data_9JLB
#
_entry.id   9JLB
#
_cell.length_a   1.00
_cell.length_b   1.00
_cell.length_c   1.00
_cell.angle_alpha   90.00
_cell.angle_beta   90.00
_cell.angle_gamma   90.00
#
_symmetry.space_group_name_H-M   'P 1'
#
loop_
_entity.id
_entity.type
_entity.pdbx_description
1 polymer 'Phytochrome B'
2 polymer 'Transcription factor PIF6'
3 non-polymer '3-[5-[[(3~{R},4~{R})-3-ethyl-4-methyl-5-oxidanylidene-3,4-dihydropyrrol-2-yl]methyl]-2-[[5-[(4-ethyl-3-methyl-5-oxidanylidene-pyrrol-2-yl)methyl]-3-(3-hydroxy-3-oxopropyl)-4-methyl-1~{H}-pyrrol-2-yl]methyl]-4-methyl-1~{H}-pyrrol-3-yl]propanoic acid'
#
loop_
_entity_poly.entity_id
_entity_poly.type
_entity_poly.pdbx_seq_one_letter_code
_entity_poly.pdbx_strand_id
1 'polypeptide(L)'
;MDYKDDDDKGDYKDDDDKIDYKDDDDKGSMVSGVGGSGGGRGGGRGGEEEPSSSHTPNNRRGGEQAQSSGTKSLRPRSNT
ESMSKAIQQYTVDARLHAVFEQSGESGKSFDYSQSLKTTTYGSSVPEQQITAYLSRIQRGGYIQPFGCMIAVDESSFRII
GYSENAREMLGIMPQSVPTLEKPEILAMGTDVRSLFTSSSSILLERAFVAREITLLNPVWIHSKNTGKPFYAILHRIDVG
VVIDLEPARTEDPALSIAGAVQSQKLAVRAISQLQALPGGDIKLLCDTVVESVRDLTGYDRVMVYKFHEDEHGEVVAESK
RDDLEPYIGLHYPATDIPQASRFLFKQNRVRMIVDCNATPVLVVQDDRLTQSMCLVGSTLRAPHGCHSQYMANMGSIASL
AMAVIINGNEDDGSNVASGRSSMRLWGLVVCHHTSSRCIPFPLRYACEFLMQAFGLQLNMELQLALQMSEKRVLRTQTLL
CDMLLRDSPAGIVTQSPSIMDLVKCDGAAFLYHGKYYPLGVAPSEVQIKDVVEWLLANHADSTGLSTDSLGDAGYPGAAA
LGDAVCGMAVAYITKRDFLFWFRSHTAKEIKWGGAKHHPEDKDDGQRMHPRSSFQAFLEVVKSRSQPWETAEMDAIHSLQ
LILRDSFKESEAAMNSKVVDGVVQPCRDMAGEQGIDELGAVAREMVRLIETATVPIFAVDAGGCINGWNAKIAELTGLSV
EEAMGKSLVSDLIYKENEATVNKLLSRALRGDEEKNVEVKLKTFSPELQGKAVFVVVNACSSKDYLNNIVGVCFVGQDVT
SQKIVMDKFINIQGDYKAIVHSPNPLIPPIFAADENTCCLEWNMAMEKLTGWSRSEVIGKMIVGEVFGSCCMLKGPDALT
KFMIVLHNAIGGQDTDKFPFPFFDRNGKFVQALLTANKRVSLEGKVIGAFCFLQIPSPELQQALAVQRRQDTECFTKAKE
LAYICQVIKNPLSGMRFANSLLEATDLNEDQKQLLETSVSCEKQISRIVGDMDLESIEDGSFVLKREEFFLGSVINAIVS
QAMFLLRDRGLQLIRDIPEEIKSIEVFGDQIRIQQLLAEFLLSIIRYAPSQEWVEIHLSQLSKQMADGFAAIRTEFRMAC
PGEGLPPELVRDMFHSSRWTSPEGLGLSVCRKILKLMNGEVQYIRESERSYFLIILELPVPRKRPLSTASGSGDMMLMMP
YKLGPEQKLISEEDLNSAVDHHHHHH
;
A,C
2 'polypeptide(L)'
;MGSSHHHHHHSSGLVPRGSHSDEVDAHMMFLPTDYCCRLSDQEYMELVFENGQILAKGQRSNVSLHNQRTKSIMDLYEAE
YNEDFMKSIIHGGGGAITNLGDTQVVPQSHVAAAHETNMLESNKHVDDSETLKASSSKRMMVDYHNRKKIKFIPPDEQSV
VADRSFKLGFDTSSVGFTEDSEGSMYLSSSLDDESDDARPQVPARTRKALESAWSHPQFEKGGGSGGGSGGSAWSHPQFE
K
;
B
#
# COMPACT_ATOMS: atom_id res chain seq x y z
N MET A 83 -16.28 -8.30 -26.21
CA MET A 83 -15.19 -9.01 -25.55
C MET A 83 -14.39 -8.00 -24.72
N SER A 84 -15.05 -7.41 -23.73
CA SER A 84 -14.42 -6.42 -22.88
C SER A 84 -13.88 -5.25 -23.70
N LYS A 85 -13.03 -4.43 -23.08
CA LYS A 85 -12.35 -3.33 -23.77
C LYS A 85 -10.86 -3.57 -23.89
N ALA A 86 -10.20 -3.96 -22.79
CA ALA A 86 -8.79 -4.27 -22.86
C ALA A 86 -8.52 -5.47 -23.77
N ILE A 87 -9.31 -6.53 -23.62
CA ILE A 87 -9.06 -7.73 -24.42
C ILE A 87 -9.34 -7.46 -25.90
N GLN A 88 -10.29 -6.57 -26.19
CA GLN A 88 -10.51 -6.17 -27.58
C GLN A 88 -9.37 -5.32 -28.09
N GLN A 89 -8.62 -4.66 -27.20
CA GLN A 89 -7.55 -3.78 -27.62
C GLN A 89 -6.33 -4.55 -28.12
N TYR A 90 -6.25 -5.86 -27.85
CA TYR A 90 -5.11 -6.63 -28.34
C TYR A 90 -5.09 -6.68 -29.86
N THR A 91 -6.26 -6.84 -30.49
CA THR A 91 -6.33 -6.82 -31.94
C THR A 91 -5.92 -5.46 -32.52
N VAL A 92 -6.37 -4.37 -31.90
CA VAL A 92 -5.97 -3.04 -32.35
C VAL A 92 -4.46 -2.86 -32.20
N ASP A 93 -3.91 -3.32 -31.08
CA ASP A 93 -2.47 -3.23 -30.88
C ASP A 93 -1.72 -4.00 -31.95
N ALA A 94 -2.19 -5.22 -32.26
CA ALA A 94 -1.54 -6.01 -33.30
C ALA A 94 -1.60 -5.31 -34.65
N ARG A 95 -2.76 -4.74 -34.98
CA ARG A 95 -2.89 -4.08 -36.27
C ARG A 95 -2.01 -2.83 -36.36
N LEU A 96 -1.96 -2.02 -35.30
CA LEU A 96 -1.10 -0.85 -35.31
C LEU A 96 0.37 -1.25 -35.36
N HIS A 97 0.75 -2.32 -34.65
CA HIS A 97 2.11 -2.81 -34.72
C HIS A 97 2.47 -3.23 -36.14
N ALA A 98 1.55 -3.95 -36.81
CA ALA A 98 1.80 -4.36 -38.19
C ALA A 98 1.93 -3.15 -39.10
N VAL A 99 1.08 -2.13 -38.90
CA VAL A 99 1.15 -0.94 -39.74
C VAL A 99 2.49 -0.24 -39.55
N PHE A 100 2.95 -0.14 -38.31
CA PHE A 100 4.25 0.48 -38.04
C PHE A 100 5.38 -0.31 -38.69
N GLU A 101 5.31 -1.64 -38.60
CA GLU A 101 6.34 -2.46 -39.22
C GLU A 101 6.36 -2.29 -40.73
N GLN A 102 5.18 -2.25 -41.36
CA GLN A 102 5.13 -2.02 -42.80
C GLN A 102 5.69 -0.66 -43.17
N SER A 103 5.35 0.37 -42.38
CA SER A 103 5.89 1.70 -42.64
C SER A 103 7.41 1.70 -42.55
N GLY A 104 7.96 1.03 -41.55
CA GLY A 104 9.41 0.94 -41.45
C GLY A 104 10.03 0.20 -42.62
N GLU A 105 9.41 -0.91 -43.01
CA GLU A 105 9.95 -1.72 -44.10
C GLU A 105 9.93 -0.96 -45.43
N SER A 106 8.85 -0.24 -45.70
CA SER A 106 8.70 0.44 -46.98
C SER A 106 9.43 1.78 -47.04
N GLY A 107 10.06 2.20 -45.94
CA GLY A 107 10.76 3.47 -45.93
C GLY A 107 9.87 4.68 -45.78
N LYS A 108 8.59 4.49 -45.49
CA LYS A 108 7.66 5.58 -45.28
C LYS A 108 7.72 6.04 -43.83
N SER A 109 6.84 6.97 -43.46
CA SER A 109 6.75 7.48 -42.10
C SER A 109 5.42 7.03 -41.51
N PHE A 110 5.47 6.55 -40.27
CA PHE A 110 4.25 6.07 -39.61
C PHE A 110 3.26 7.22 -39.46
N ASP A 111 2.09 7.07 -40.09
CA ASP A 111 1.03 8.07 -40.01
C ASP A 111 0.18 7.73 -38.79
N TYR A 112 0.47 8.42 -37.68
CA TYR A 112 -0.18 8.08 -36.41
C TYR A 112 -1.69 8.31 -36.47
N SER A 113 -2.11 9.51 -36.87
CA SER A 113 -3.53 9.84 -36.84
C SER A 113 -4.32 8.98 -37.82
N GLN A 114 -3.80 8.81 -39.04
CA GLN A 114 -4.51 7.99 -40.01
C GLN A 114 -4.55 6.53 -39.58
N SER A 115 -3.47 6.04 -38.97
CA SER A 115 -3.47 4.66 -38.50
C SER A 115 -4.51 4.47 -37.41
N LEU A 116 -4.61 5.41 -36.48
CA LEU A 116 -5.65 5.31 -35.44
C LEU A 116 -7.05 5.39 -36.04
N LYS A 117 -7.26 6.27 -37.02
CA LYS A 117 -8.57 6.40 -37.63
C LYS A 117 -8.97 5.10 -38.34
N THR A 118 -8.04 4.52 -39.12
CA THR A 118 -8.35 3.32 -39.88
C THR A 118 -8.45 2.10 -38.97
N THR A 119 -7.55 1.98 -37.99
CA THR A 119 -7.51 0.84 -37.09
C THR A 119 -8.47 1.10 -35.94
N THR A 120 -9.69 0.62 -36.08
CA THR A 120 -10.73 0.77 -35.05
C THR A 120 -11.00 -0.57 -34.38
N TYR A 121 -11.66 -0.50 -33.23
CA TYR A 121 -11.98 -1.70 -32.47
C TYR A 121 -12.97 -2.57 -33.23
N GLY A 122 -12.88 -3.88 -32.99
CA GLY A 122 -13.74 -4.83 -33.66
C GLY A 122 -13.06 -5.51 -34.81
N SER A 123 -13.79 -5.72 -35.91
CA SER A 123 -13.25 -6.38 -37.09
C SER A 123 -12.75 -7.77 -36.74
N SER A 124 -11.86 -8.33 -37.56
CA SER A 124 -11.32 -9.66 -37.34
C SER A 124 -9.84 -9.67 -37.69
N VAL A 125 -9.05 -10.35 -36.87
CA VAL A 125 -7.61 -10.50 -37.12
C VAL A 125 -7.25 -11.97 -36.87
N PRO A 126 -6.57 -12.63 -37.80
CA PRO A 126 -6.24 -14.05 -37.60
C PRO A 126 -5.31 -14.24 -36.41
N GLU A 127 -5.43 -15.41 -35.79
CA GLU A 127 -4.60 -15.73 -34.63
C GLU A 127 -3.11 -15.63 -34.95
N GLN A 128 -2.73 -15.83 -36.21
CA GLN A 128 -1.33 -15.70 -36.59
C GLN A 128 -0.81 -14.30 -36.30
N GLN A 129 -1.59 -13.27 -36.64
CA GLN A 129 -1.14 -11.90 -36.46
C GLN A 129 -0.95 -11.57 -34.98
N ILE A 130 -1.91 -11.95 -34.13
CA ILE A 130 -1.80 -11.64 -32.72
C ILE A 130 -0.66 -12.44 -32.08
N THR A 131 -0.50 -13.70 -32.48
CA THR A 131 0.61 -14.50 -31.95
C THR A 131 1.96 -13.89 -32.35
N ALA A 132 2.08 -13.46 -33.61
CA ALA A 132 3.32 -12.84 -34.05
C ALA A 132 3.58 -11.54 -33.31
N TYR A 133 2.54 -10.73 -33.10
CA TYR A 133 2.71 -9.49 -32.35
C TYR A 133 3.19 -9.77 -30.93
N LEU A 134 2.55 -10.74 -30.26
CA LEU A 134 2.95 -11.05 -28.89
C LEU A 134 4.37 -11.58 -28.84
N SER A 135 4.76 -12.43 -29.80
CA SER A 135 6.12 -12.94 -29.82
C SER A 135 7.12 -11.83 -30.05
N ARG A 136 6.84 -10.92 -30.99
CA ARG A 136 7.76 -9.83 -31.27
C ARG A 136 7.88 -8.89 -30.08
N ILE A 137 6.79 -8.67 -29.34
CA ILE A 137 6.88 -7.82 -28.16
C ILE A 137 7.66 -8.50 -27.05
N GLN A 138 7.40 -9.78 -26.80
CA GLN A 138 7.99 -10.48 -25.67
C GLN A 138 9.23 -11.28 -26.03
N ARG A 139 9.42 -11.61 -27.30
CA ARG A 139 10.57 -12.35 -27.78
C ARG A 139 11.23 -11.61 -28.92
N GLY A 140 11.44 -10.30 -28.75
CA GLY A 140 11.98 -9.50 -29.84
C GLY A 140 13.39 -9.89 -30.21
N GLY A 141 14.23 -10.19 -29.23
CA GLY A 141 15.60 -10.58 -29.46
C GLY A 141 16.61 -9.45 -29.39
N TYR A 142 16.23 -8.29 -28.86
CA TYR A 142 17.13 -7.16 -28.73
C TYR A 142 17.10 -6.66 -27.29
N ILE A 143 18.23 -6.09 -26.85
CA ILE A 143 18.34 -5.53 -25.50
C ILE A 143 18.95 -4.14 -25.60
N GLN A 144 18.90 -3.42 -24.49
CA GLN A 144 19.49 -2.09 -24.43
C GLN A 144 21.00 -2.19 -24.24
N PRO A 145 21.79 -1.37 -24.94
CA PRO A 145 23.26 -1.52 -24.87
C PRO A 145 23.88 -1.04 -23.57
N PHE A 146 23.09 -0.62 -22.58
CA PHE A 146 23.67 -0.17 -21.32
C PHE A 146 24.06 -1.32 -20.40
N GLY A 147 23.65 -2.55 -20.72
CA GLY A 147 24.08 -3.73 -20.01
C GLY A 147 24.11 -4.88 -20.99
N CYS A 148 24.56 -6.04 -20.51
CA CYS A 148 24.59 -7.23 -21.35
C CYS A 148 23.75 -8.32 -20.72
N MET A 149 23.47 -9.36 -21.51
CA MET A 149 22.62 -10.46 -21.09
C MET A 149 23.27 -11.77 -21.47
N ILE A 150 23.22 -12.74 -20.56
CA ILE A 150 23.75 -14.07 -20.81
C ILE A 150 22.75 -15.09 -20.28
N ALA A 151 22.21 -15.92 -21.16
CA ALA A 151 21.28 -16.97 -20.79
C ALA A 151 22.00 -18.31 -20.84
N VAL A 152 21.93 -19.05 -19.73
CA VAL A 152 22.70 -20.26 -19.54
C VAL A 152 21.76 -21.40 -19.16
N ASP A 153 22.24 -22.62 -19.38
CA ASP A 153 21.53 -23.80 -18.94
C ASP A 153 21.56 -23.88 -17.41
N GLU A 154 20.41 -24.21 -16.81
CA GLU A 154 20.31 -24.20 -15.36
C GLU A 154 21.26 -25.21 -14.72
N SER A 155 21.37 -26.40 -15.29
CA SER A 155 22.14 -27.47 -14.68
C SER A 155 23.62 -27.41 -15.04
N SER A 156 23.93 -27.39 -16.33
CA SER A 156 25.31 -27.49 -16.80
C SER A 156 26.04 -26.15 -16.83
N PHE A 157 25.35 -25.04 -16.58
CA PHE A 157 25.96 -23.71 -16.59
C PHE A 157 26.53 -23.33 -17.95
N ARG A 158 26.17 -24.06 -18.99
CA ARG A 158 26.63 -23.78 -20.35
C ARG A 158 25.80 -22.64 -20.93
N ILE A 159 26.47 -21.76 -21.66
CA ILE A 159 25.79 -20.60 -22.24
C ILE A 159 24.97 -21.04 -23.43
N ILE A 160 23.67 -20.71 -23.41
CA ILE A 160 22.78 -20.99 -24.54
C ILE A 160 22.41 -19.72 -25.30
N GLY A 161 22.75 -18.55 -24.79
CA GLY A 161 22.52 -17.30 -25.50
C GLY A 161 23.28 -16.15 -24.87
N TYR A 162 23.59 -15.12 -25.64
CA TYR A 162 24.30 -13.97 -25.10
C TYR A 162 24.12 -12.78 -26.03
N SER A 163 24.12 -11.60 -25.44
CA SER A 163 24.04 -10.37 -26.22
C SER A 163 25.35 -10.13 -26.97
N GLU A 164 25.24 -9.48 -28.12
CA GLU A 164 26.43 -9.28 -28.95
C GLU A 164 27.45 -8.38 -28.27
N ASN A 165 27.03 -7.57 -27.30
CA ASN A 165 27.94 -6.69 -26.57
C ASN A 165 28.50 -7.33 -25.32
N ALA A 166 28.20 -8.62 -25.07
CA ALA A 166 28.72 -9.27 -23.87
C ALA A 166 30.24 -9.35 -23.90
N ARG A 167 30.81 -9.64 -25.07
CA ARG A 167 32.26 -9.74 -25.16
C ARG A 167 32.94 -8.41 -24.85
N GLU A 168 32.38 -7.31 -25.36
CA GLU A 168 32.96 -6.00 -25.08
C GLU A 168 32.63 -5.55 -23.67
N MET A 169 31.41 -5.83 -23.19
CA MET A 169 31.03 -5.43 -21.85
C MET A 169 31.88 -6.13 -20.80
N LEU A 170 32.18 -7.41 -21.00
CA LEU A 170 32.99 -8.18 -20.06
C LEU A 170 34.49 -7.98 -20.26
N GLY A 171 34.90 -7.22 -21.26
CA GLY A 171 36.32 -7.01 -21.51
C GLY A 171 37.03 -8.20 -22.10
N ILE A 172 36.29 -9.12 -22.71
CA ILE A 172 36.87 -10.30 -23.32
C ILE A 172 37.57 -9.90 -24.63
N ILE A 185 37.10 -16.48 -23.66
CA ILE A 185 36.27 -16.86 -24.80
C ILE A 185 34.80 -16.90 -24.39
N LEU A 186 33.93 -16.44 -25.28
CA LEU A 186 32.49 -16.42 -25.04
C LEU A 186 31.80 -16.93 -26.30
N ALA A 187 31.13 -18.07 -26.19
CA ALA A 187 30.45 -18.68 -27.33
C ALA A 187 29.44 -19.68 -26.79
N MET A 188 28.69 -20.29 -27.70
CA MET A 188 27.72 -21.30 -27.32
C MET A 188 28.41 -22.46 -26.63
N GLY A 189 27.85 -22.90 -25.49
CA GLY A 189 28.39 -24.00 -24.74
C GLY A 189 29.47 -23.64 -23.75
N THR A 190 29.94 -22.39 -23.75
CA THR A 190 30.96 -21.98 -22.80
C THR A 190 30.39 -21.99 -21.39
N ASP A 191 31.23 -22.39 -20.42
CA ASP A 191 30.83 -22.39 -19.03
C ASP A 191 30.82 -20.95 -18.51
N VAL A 192 29.65 -20.46 -18.09
CA VAL A 192 29.52 -19.09 -17.65
C VAL A 192 30.40 -18.80 -16.44
N ARG A 193 30.70 -19.82 -15.64
CA ARG A 193 31.55 -19.63 -14.47
C ARG A 193 32.98 -19.27 -14.83
N SER A 194 33.38 -19.46 -16.09
CA SER A 194 34.72 -19.08 -16.52
C SER A 194 34.83 -17.62 -16.93
N LEU A 195 33.71 -16.89 -16.96
CA LEU A 195 33.71 -15.49 -17.34
C LEU A 195 33.89 -14.56 -16.15
N PHE A 196 33.82 -15.08 -14.93
CA PHE A 196 33.89 -14.27 -13.72
C PHE A 196 34.93 -14.87 -12.77
N THR A 197 35.34 -14.07 -11.79
CA THR A 197 36.32 -14.52 -10.82
C THR A 197 35.80 -15.74 -10.06
N SER A 198 36.71 -16.38 -9.33
CA SER A 198 36.35 -17.61 -8.63
C SER A 198 35.25 -17.38 -7.61
N SER A 199 35.36 -16.32 -6.80
CA SER A 199 34.32 -16.03 -5.83
C SER A 199 33.00 -15.67 -6.52
N SER A 200 33.07 -14.90 -7.61
CA SER A 200 31.86 -14.59 -8.36
C SER A 200 31.22 -15.85 -8.93
N SER A 201 32.03 -16.78 -9.42
CA SER A 201 31.50 -18.03 -9.92
C SER A 201 30.84 -18.83 -8.80
N ILE A 202 31.44 -18.84 -7.61
CA ILE A 202 30.85 -19.56 -6.48
C ILE A 202 29.52 -18.93 -6.10
N LEU A 203 29.45 -17.60 -6.07
CA LEU A 203 28.19 -16.93 -5.76
C LEU A 203 27.13 -17.22 -6.81
N LEU A 204 27.52 -17.25 -8.09
CA LEU A 204 26.57 -17.61 -9.14
C LEU A 204 26.06 -19.04 -8.95
N GLU A 205 26.96 -19.97 -8.62
CA GLU A 205 26.54 -21.33 -8.35
C GLU A 205 25.53 -21.38 -7.21
N ARG A 206 25.81 -20.64 -6.14
CA ARG A 206 24.86 -20.58 -5.02
C ARG A 206 23.52 -20.02 -5.45
N ALA A 207 23.53 -18.98 -6.29
CA ALA A 207 22.28 -18.38 -6.75
C ALA A 207 21.48 -19.36 -7.60
N PHE A 208 22.16 -20.14 -8.44
CA PHE A 208 21.45 -21.04 -9.35
C PHE A 208 20.73 -22.15 -8.61
N VAL A 209 21.35 -22.71 -7.57
CA VAL A 209 20.87 -23.93 -6.94
C VAL A 209 19.68 -23.64 -6.01
N ALA A 210 19.24 -22.39 -5.96
CA ALA A 210 18.12 -22.04 -5.10
C ALA A 210 16.85 -22.73 -5.58
N ARG A 211 15.94 -22.98 -4.63
CA ARG A 211 14.69 -23.69 -4.93
C ARG A 211 13.60 -22.72 -5.33
N GLU A 212 13.22 -21.81 -4.42
CA GLU A 212 12.16 -20.85 -4.66
C GLU A 212 12.60 -19.40 -4.49
N ILE A 213 13.39 -19.10 -3.46
CA ILE A 213 13.91 -17.77 -3.23
C ILE A 213 15.41 -17.88 -2.98
N THR A 214 16.15 -16.92 -3.53
CA THR A 214 17.59 -16.84 -3.34
C THR A 214 17.95 -15.48 -2.80
N LEU A 215 18.91 -15.46 -1.88
CA LEU A 215 19.40 -14.22 -1.29
C LEU A 215 20.64 -13.70 -1.99
N LEU A 216 20.99 -14.25 -3.15
CA LEU A 216 21.96 -13.65 -4.05
C LEU A 216 21.26 -13.39 -5.38
N ASN A 217 20.48 -12.30 -5.42
CA ASN A 217 19.81 -11.84 -6.62
C ASN A 217 19.39 -10.38 -6.44
N PRO A 218 20.14 -9.40 -6.96
CA PRO A 218 21.33 -9.50 -7.82
C PRO A 218 22.58 -9.91 -7.06
N VAL A 219 23.61 -10.34 -7.79
CA VAL A 219 24.91 -10.69 -7.22
C VAL A 219 25.92 -9.66 -7.67
N TRP A 220 26.73 -9.18 -6.75
CA TRP A 220 27.83 -8.27 -7.08
C TRP A 220 29.01 -9.12 -7.53
N ILE A 221 29.22 -9.19 -8.84
CA ILE A 221 30.25 -10.07 -9.40
C ILE A 221 31.27 -9.23 -10.14
N HIS A 222 32.40 -9.87 -10.47
CA HIS A 222 33.51 -9.21 -11.15
C HIS A 222 33.90 -10.02 -12.38
N SER A 223 34.18 -9.32 -13.48
CA SER A 223 34.68 -9.98 -14.67
C SER A 223 36.08 -10.55 -14.42
N LYS A 224 36.32 -11.74 -14.94
CA LYS A 224 37.60 -12.41 -14.69
C LYS A 224 38.75 -11.65 -15.34
N ASN A 225 38.57 -11.20 -16.58
CA ASN A 225 39.67 -10.59 -17.33
C ASN A 225 39.99 -9.19 -16.83
N THR A 226 38.97 -8.38 -16.56
CA THR A 226 39.15 -6.98 -16.22
C THR A 226 38.81 -6.63 -14.77
N GLY A 227 38.03 -7.47 -14.08
CA GLY A 227 37.59 -7.13 -12.75
C GLY A 227 36.48 -6.12 -12.69
N LYS A 228 35.84 -5.82 -13.82
CA LYS A 228 34.79 -4.82 -13.84
C LYS A 228 33.60 -5.30 -13.02
N PRO A 229 33.11 -4.50 -12.06
CA PRO A 229 31.97 -4.93 -11.26
C PRO A 229 30.65 -4.88 -12.03
N PHE A 230 29.80 -5.86 -11.74
CA PHE A 230 28.49 -5.96 -12.36
C PHE A 230 27.47 -6.36 -11.31
N TYR A 231 26.24 -5.86 -11.48
CA TYR A 231 25.06 -6.41 -10.83
C TYR A 231 24.48 -7.47 -11.74
N ALA A 232 24.51 -8.72 -11.30
CA ALA A 232 23.94 -9.83 -12.06
C ALA A 232 22.55 -10.10 -11.52
N ILE A 233 21.54 -9.71 -12.27
CA ILE A 233 20.14 -9.93 -11.90
C ILE A 233 19.68 -11.20 -12.60
N LEU A 234 19.31 -12.20 -11.82
CA LEU A 234 18.97 -13.52 -12.36
C LEU A 234 17.46 -13.70 -12.41
N HIS A 235 16.98 -14.27 -13.51
CA HIS A 235 15.60 -14.73 -13.56
C HIS A 235 15.56 -16.00 -14.39
N ARG A 236 14.45 -16.72 -14.29
CA ARG A 236 14.33 -18.03 -14.90
C ARG A 236 13.34 -17.98 -16.07
N ILE A 237 13.78 -18.51 -17.21
CA ILE A 237 12.94 -18.65 -18.39
C ILE A 237 12.84 -20.14 -18.72
N ASP A 238 11.91 -20.47 -19.63
CA ASP A 238 11.56 -21.86 -19.85
C ASP A 238 12.77 -22.71 -20.22
N VAL A 239 13.82 -22.09 -20.78
CA VAL A 239 14.95 -22.83 -21.31
C VAL A 239 16.20 -22.65 -20.46
N GLY A 240 16.10 -21.97 -19.33
CA GLY A 240 17.29 -21.82 -18.50
C GLY A 240 17.18 -20.60 -17.59
N VAL A 241 18.34 -20.02 -17.32
CA VAL A 241 18.44 -18.87 -16.42
C VAL A 241 19.09 -17.73 -17.18
N VAL A 242 18.43 -16.57 -17.17
CA VAL A 242 18.93 -15.36 -17.82
C VAL A 242 19.58 -14.48 -16.76
N ILE A 243 20.79 -14.00 -17.06
CA ILE A 243 21.56 -13.12 -16.19
C ILE A 243 21.68 -11.79 -16.89
N ASP A 244 21.08 -10.76 -16.29
CA ASP A 244 21.25 -9.38 -16.76
C ASP A 244 22.42 -8.76 -16.01
N LEU A 245 23.51 -8.53 -16.73
CA LEU A 245 24.71 -7.93 -16.17
C LEU A 245 24.62 -6.43 -16.42
N GLU A 246 24.34 -5.69 -15.36
CA GLU A 246 24.29 -4.23 -15.41
C GLU A 246 25.59 -3.69 -14.82
N PRO A 247 26.40 -2.95 -15.58
CA PRO A 247 27.65 -2.44 -15.01
C PRO A 247 27.39 -1.58 -13.78
N ALA A 248 28.28 -1.71 -12.80
CA ALA A 248 28.21 -0.94 -11.57
C ALA A 248 29.40 -0.01 -11.46
N ARG A 249 29.19 1.13 -10.82
CA ARG A 249 30.24 2.13 -10.70
C ARG A 249 31.39 1.56 -9.87
N THR A 250 32.61 1.74 -10.36
CA THR A 250 33.79 1.29 -9.63
C THR A 250 34.13 2.28 -8.53
N GLU A 251 34.16 1.80 -7.30
CA GLU A 251 34.39 2.65 -6.13
C GLU A 251 34.58 1.75 -4.92
N ASP A 252 34.80 2.37 -3.77
CA ASP A 252 34.93 1.63 -2.53
C ASP A 252 33.62 0.90 -2.24
N PRO A 253 33.67 -0.38 -1.83
CA PRO A 253 32.41 -1.08 -1.52
C PRO A 253 31.56 -0.34 -0.50
N ALA A 254 32.20 0.31 0.48
CA ALA A 254 31.46 1.13 1.42
C ALA A 254 30.64 2.19 0.70
N LEU A 255 31.16 2.73 -0.42
CA LEU A 255 30.42 3.75 -1.16
C LEU A 255 29.23 3.15 -1.88
N SER A 256 29.35 1.93 -2.40
CA SER A 256 28.19 1.28 -3.00
C SER A 256 27.11 1.01 -1.97
N ILE A 257 27.50 0.51 -0.80
CA ILE A 257 26.55 0.28 0.27
C ILE A 257 25.91 1.60 0.69
N ALA A 258 26.71 2.68 0.72
CA ALA A 258 26.17 3.99 1.08
C ALA A 258 25.16 4.46 0.04
N GLY A 259 25.44 4.26 -1.24
CA GLY A 259 24.48 4.63 -2.26
C GLY A 259 23.16 3.90 -2.10
N ALA A 260 23.23 2.58 -1.88
CA ALA A 260 22.01 1.81 -1.67
C ALA A 260 21.26 2.32 -0.44
N VAL A 261 21.99 2.57 0.65
CA VAL A 261 21.36 3.03 1.89
C VAL A 261 20.69 4.38 1.68
N GLN A 262 21.36 5.31 1.00
CA GLN A 262 20.77 6.61 0.75
C GLN A 262 19.51 6.50 -0.10
N SER A 263 19.54 5.68 -1.14
CA SER A 263 18.34 5.51 -1.95
C SER A 263 17.19 4.96 -1.12
N GLN A 264 17.45 3.93 -0.32
CA GLN A 264 16.38 3.32 0.46
C GLN A 264 15.85 4.26 1.53
N LYS A 265 16.74 5.05 2.15
CA LYS A 265 16.30 5.99 3.18
C LYS A 265 15.52 7.15 2.57
N LEU A 266 15.88 7.59 1.36
CA LEU A 266 15.06 8.58 0.67
C LEU A 266 13.67 8.03 0.39
N ALA A 267 13.58 6.77 -0.06
CA ALA A 267 12.27 6.16 -0.28
C ALA A 267 11.49 6.07 1.02
N VAL A 268 12.15 5.71 2.12
CA VAL A 268 11.48 5.60 3.41
C VAL A 268 10.95 6.95 3.86
N ARG A 269 11.75 8.00 3.68
CA ARG A 269 11.30 9.34 4.04
C ARG A 269 10.12 9.77 3.18
N ALA A 270 10.13 9.44 1.90
CA ALA A 270 8.99 9.74 1.04
C ALA A 270 7.75 9.02 1.53
N ILE A 271 7.88 7.75 1.92
CA ILE A 271 6.74 7.00 2.42
C ILE A 271 6.22 7.63 3.71
N SER A 272 7.12 8.05 4.60
CA SER A 272 6.70 8.70 5.83
C SER A 272 5.94 9.99 5.52
N GLN A 273 6.41 10.74 4.51
CA GLN A 273 5.68 11.94 4.10
C GLN A 273 4.29 11.59 3.58
N LEU A 274 4.19 10.50 2.83
CA LEU A 274 2.87 10.07 2.33
C LEU A 274 1.95 9.69 3.47
N GLN A 275 2.48 9.02 4.50
CA GLN A 275 1.65 8.63 5.63
C GLN A 275 1.02 9.84 6.31
N ALA A 276 1.81 10.90 6.50
CA ALA A 276 1.35 12.09 7.20
C ALA A 276 0.69 13.07 6.23
N LEU A 277 -0.42 12.63 5.65
CA LEU A 277 -1.23 13.46 4.79
C LEU A 277 -2.65 13.57 5.36
N PRO A 278 -3.37 14.66 5.06
CA PRO A 278 -4.74 14.78 5.58
C PRO A 278 -5.63 13.60 5.23
N GLY A 279 -5.48 13.04 4.05
CA GLY A 279 -6.28 11.88 3.66
C GLY A 279 -7.52 12.29 2.89
N GLY A 280 -8.08 11.31 2.19
CA GLY A 280 -9.28 11.55 1.40
C GLY A 280 -9.08 12.47 0.22
N ASP A 281 -7.83 12.68 -0.22
CA ASP A 281 -7.53 13.56 -1.34
C ASP A 281 -6.51 12.85 -2.22
N ILE A 282 -6.98 12.28 -3.33
CA ILE A 282 -6.09 11.54 -4.22
C ILE A 282 -5.16 12.50 -4.96
N LYS A 283 -5.63 13.70 -5.29
CA LYS A 283 -4.79 14.65 -6.01
C LYS A 283 -3.57 15.03 -5.19
N LEU A 284 -3.77 15.30 -3.89
CA LEU A 284 -2.63 15.62 -3.03
C LEU A 284 -1.67 14.45 -2.93
N LEU A 285 -2.20 13.23 -2.85
CA LEU A 285 -1.36 12.04 -2.81
C LEU A 285 -0.50 11.94 -4.05
N CYS A 286 -1.12 12.14 -5.22
CA CYS A 286 -0.37 12.05 -6.48
C CYS A 286 0.69 13.15 -6.57
N ASP A 287 0.35 14.37 -6.16
CA ASP A 287 1.32 15.45 -6.20
C ASP A 287 2.51 15.16 -5.28
N THR A 288 2.22 14.70 -4.05
CA THR A 288 3.30 14.37 -3.12
C THR A 288 4.18 13.27 -3.68
N VAL A 289 3.58 12.23 -4.26
CA VAL A 289 4.37 11.13 -4.80
C VAL A 289 5.23 11.61 -5.96
N VAL A 290 4.68 12.48 -6.81
CA VAL A 290 5.45 12.98 -7.95
C VAL A 290 6.65 13.78 -7.46
N GLU A 291 6.44 14.67 -6.49
CA GLU A 291 7.56 15.43 -5.96
C GLU A 291 8.60 14.53 -5.32
N SER A 292 8.16 13.55 -4.53
CA SER A 292 9.09 12.64 -3.88
C SER A 292 9.89 11.84 -4.90
N VAL A 293 9.23 11.37 -5.96
CA VAL A 293 9.90 10.56 -6.97
C VAL A 293 10.89 11.41 -7.75
N ARG A 294 10.54 12.65 -8.07
CA ARG A 294 11.50 13.52 -8.75
C ARG A 294 12.70 13.80 -7.87
N ASP A 295 12.49 14.01 -6.58
CA ASP A 295 13.62 14.22 -5.68
C ASP A 295 14.48 12.97 -5.58
N LEU A 296 13.85 11.79 -5.55
CA LEU A 296 14.58 10.55 -5.39
C LEU A 296 15.40 10.20 -6.62
N THR A 297 14.80 10.30 -7.81
CA THR A 297 15.44 9.88 -9.04
C THR A 297 16.22 10.99 -9.73
N GLY A 298 15.72 12.23 -9.68
CA GLY A 298 16.42 13.34 -10.30
C GLY A 298 16.14 13.52 -11.77
N TYR A 299 15.12 12.87 -12.31
CA TYR A 299 14.80 13.02 -13.73
C TYR A 299 14.26 14.41 -14.01
N ASP A 300 14.38 14.83 -15.27
CA ASP A 300 13.94 16.16 -15.64
C ASP A 300 12.44 16.32 -15.44
N ARG A 301 11.68 15.30 -15.78
CA ARG A 301 10.22 15.33 -15.74
C ARG A 301 9.72 14.07 -15.05
N VAL A 302 8.71 14.20 -14.21
CA VAL A 302 8.06 13.07 -13.56
C VAL A 302 6.57 13.32 -13.56
N MET A 303 5.78 12.33 -13.96
CA MET A 303 4.34 12.52 -14.04
C MET A 303 3.60 11.21 -13.84
N VAL A 304 2.37 11.32 -13.36
CA VAL A 304 1.53 10.18 -13.02
C VAL A 304 0.42 10.07 -14.06
N TYR A 305 0.24 8.87 -14.59
CA TYR A 305 -0.83 8.55 -15.53
C TYR A 305 -1.86 7.68 -14.83
N LYS A 306 -3.12 8.08 -14.92
CA LYS A 306 -4.25 7.30 -14.45
C LYS A 306 -4.94 6.70 -15.66
N PHE A 307 -5.22 5.39 -15.60
CA PHE A 307 -5.90 4.71 -16.68
C PHE A 307 -7.38 4.64 -16.37
N HIS A 308 -8.21 5.17 -17.26
CA HIS A 308 -9.64 5.22 -17.06
C HIS A 308 -10.29 3.91 -17.47
N GLU A 309 -11.58 3.76 -17.13
CA GLU A 309 -12.30 2.54 -17.47
C GLU A 309 -12.30 2.30 -18.97
N ASP A 310 -12.21 3.36 -19.76
CA ASP A 310 -12.05 3.27 -21.21
C ASP A 310 -10.68 2.69 -21.57
N GLU A 311 -9.74 2.68 -20.63
CA GLU A 311 -8.33 2.30 -20.77
C GLU A 311 -7.49 3.41 -21.35
N HIS A 312 -8.06 4.56 -21.68
CA HIS A 312 -7.24 5.70 -22.06
C HIS A 312 -6.61 6.31 -20.83
N GLY A 313 -5.53 7.06 -21.04
CA GLY A 313 -4.75 7.59 -19.93
C GLY A 313 -4.88 9.08 -19.75
N GLU A 314 -4.66 9.54 -18.52
CA GLU A 314 -4.69 10.97 -18.20
C GLU A 314 -3.50 11.31 -17.31
N VAL A 315 -2.87 12.44 -17.60
CA VAL A 315 -1.78 12.94 -16.76
C VAL A 315 -2.41 13.66 -15.57
N VAL A 316 -2.40 13.01 -14.40
CA VAL A 316 -3.04 13.56 -13.22
C VAL A 316 -2.10 14.34 -12.32
N ALA A 317 -0.79 14.23 -12.54
CA ALA A 317 0.19 14.96 -11.75
C ALA A 317 1.46 15.11 -12.57
N GLU A 318 2.31 16.06 -12.17
CA GLU A 318 3.56 16.28 -12.89
C GLU A 318 4.46 17.18 -12.08
N SER A 319 5.76 16.88 -12.11
CA SER A 319 6.81 17.76 -11.59
C SER A 319 7.90 17.80 -12.63
N LYS A 320 7.97 18.92 -13.35
CA LYS A 320 8.85 19.07 -14.51
C LYS A 320 9.92 20.10 -14.22
N ARG A 321 10.91 20.15 -15.12
CA ARG A 321 11.84 21.27 -15.13
C ARG A 321 11.13 22.52 -15.63
N ASP A 322 11.56 23.68 -15.14
CA ASP A 322 10.81 24.90 -15.38
C ASP A 322 10.68 25.20 -16.88
N ASP A 323 11.76 25.02 -17.63
CA ASP A 323 11.74 25.36 -19.05
C ASP A 323 11.01 24.34 -19.91
N LEU A 324 10.60 23.21 -19.35
CA LEU A 324 9.95 22.17 -20.14
C LEU A 324 8.47 22.44 -20.27
N GLU A 325 7.89 21.97 -21.38
CA GLU A 325 6.47 22.17 -21.63
C GLU A 325 5.65 21.38 -20.63
N PRO A 326 4.64 21.98 -19.98
CA PRO A 326 3.78 21.22 -19.09
C PRO A 326 2.91 20.23 -19.83
N TYR A 327 2.60 19.12 -19.16
CA TYR A 327 1.77 18.08 -19.73
C TYR A 327 0.63 17.64 -18.81
N ILE A 328 0.42 18.33 -17.69
CA ILE A 328 -0.66 17.96 -16.78
C ILE A 328 -1.99 18.28 -17.45
N GLY A 329 -3.01 17.47 -17.15
CA GLY A 329 -4.30 17.61 -17.78
C GLY A 329 -4.39 16.98 -19.16
N LEU A 330 -3.37 16.24 -19.57
CA LEU A 330 -3.33 15.67 -20.91
C LEU A 330 -3.97 14.30 -20.94
N HIS A 331 -4.82 14.07 -21.93
CA HIS A 331 -5.44 12.77 -22.17
C HIS A 331 -4.96 12.21 -23.50
N TYR A 332 -4.72 10.90 -23.54
CA TYR A 332 -4.22 10.27 -24.75
C TYR A 332 -4.95 8.95 -24.95
N PRO A 333 -5.02 8.46 -26.19
CA PRO A 333 -5.79 7.23 -26.45
C PRO A 333 -5.25 6.04 -25.67
N ALA A 334 -6.10 5.02 -25.53
CA ALA A 334 -5.68 3.79 -24.87
C ALA A 334 -4.65 3.04 -25.70
N THR A 335 -4.71 3.17 -27.02
CA THR A 335 -3.81 2.43 -27.90
C THR A 335 -2.37 2.88 -27.80
N ASP A 336 -2.09 4.02 -27.16
CA ASP A 336 -0.72 4.48 -27.04
C ASP A 336 0.09 3.60 -26.09
N ILE A 337 -0.53 3.01 -25.09
CA ILE A 337 0.12 2.02 -24.24
C ILE A 337 -0.53 0.68 -24.53
N PRO A 338 0.03 -0.15 -25.40
CA PRO A 338 -0.63 -1.42 -25.74
C PRO A 338 -0.86 -2.27 -24.50
N GLN A 339 -1.86 -3.15 -24.60
CA GLN A 339 -2.20 -4.01 -23.46
C GLN A 339 -1.06 -4.96 -23.13
N ALA A 340 -0.32 -5.44 -24.13
CA ALA A 340 0.85 -6.26 -23.86
C ALA A 340 1.88 -5.48 -23.07
N SER A 341 2.08 -4.21 -23.41
CA SER A 341 3.02 -3.37 -22.66
C SER A 341 2.54 -3.16 -21.23
N ARG A 342 1.23 -2.99 -21.03
CA ARG A 342 0.71 -2.84 -19.68
C ARG A 342 0.90 -4.12 -18.87
N PHE A 343 0.71 -5.28 -19.51
CA PHE A 343 1.01 -6.54 -18.85
C PHE A 343 2.47 -6.62 -18.45
N LEU A 344 3.37 -6.22 -19.36
CA LEU A 344 4.80 -6.25 -19.04
C LEU A 344 5.16 -5.25 -17.95
N PHE A 345 4.40 -4.16 -17.84
CA PHE A 345 4.66 -3.20 -16.76
C PHE A 345 4.17 -3.73 -15.43
N LYS A 346 3.07 -4.49 -15.43
CA LYS A 346 2.72 -5.23 -14.23
C LYS A 346 3.79 -6.24 -13.87
N GLN A 347 4.35 -6.91 -14.87
CA GLN A 347 5.46 -7.84 -14.63
C GLN A 347 6.69 -7.09 -14.12
N ASN A 348 7.22 -6.17 -14.93
CA ASN A 348 8.38 -5.37 -14.57
C ASN A 348 7.87 -4.12 -13.85
N ARG A 349 7.93 -4.16 -12.52
CA ARG A 349 7.36 -3.08 -11.73
C ARG A 349 8.11 -1.77 -11.90
N VAL A 350 9.37 -1.81 -12.32
CA VAL A 350 10.15 -0.61 -12.62
C VAL A 350 10.93 -0.91 -13.89
N ARG A 351 10.58 -0.23 -14.99
CA ARG A 351 11.23 -0.41 -16.27
C ARG A 351 12.01 0.84 -16.63
N MET A 352 13.28 0.65 -16.97
CA MET A 352 14.20 1.74 -17.27
C MET A 352 14.63 1.66 -18.72
N ILE A 353 14.54 2.78 -19.43
CA ILE A 353 15.09 2.94 -20.77
C ILE A 353 16.17 4.01 -20.69
N VAL A 354 17.42 3.62 -20.94
CA VAL A 354 18.53 4.53 -20.72
C VAL A 354 18.64 5.56 -21.84
N ASP A 355 18.51 5.12 -23.08
CA ASP A 355 18.66 6.01 -24.22
C ASP A 355 17.82 5.47 -25.37
N CYS A 356 16.80 6.23 -25.77
CA CYS A 356 15.94 5.79 -26.87
C CYS A 356 16.68 5.73 -28.19
N ASN A 357 17.70 6.56 -28.37
CA ASN A 357 18.44 6.63 -29.63
C ASN A 357 19.58 5.64 -29.71
N ALA A 358 19.85 4.90 -28.64
CA ALA A 358 20.91 3.89 -28.66
C ALA A 358 20.50 2.70 -29.52
N THR A 359 21.47 2.14 -30.22
CA THR A 359 21.21 1.02 -31.12
C THR A 359 20.98 -0.25 -30.31
N PRO A 360 19.84 -0.94 -30.46
CA PRO A 360 19.63 -2.18 -29.71
C PRO A 360 20.68 -3.23 -30.07
N VAL A 361 20.99 -4.07 -29.09
CA VAL A 361 22.00 -5.11 -29.24
C VAL A 361 21.30 -6.44 -29.44
N LEU A 362 21.64 -7.13 -30.53
CA LEU A 362 21.03 -8.41 -30.83
C LEU A 362 21.47 -9.46 -29.81
N VAL A 363 20.57 -10.38 -29.50
CA VAL A 363 20.86 -11.48 -28.59
C VAL A 363 21.11 -12.74 -29.42
N VAL A 364 22.38 -13.08 -29.61
CA VAL A 364 22.73 -14.31 -30.30
C VAL A 364 22.22 -15.48 -29.48
N GLN A 365 21.65 -16.48 -30.15
CA GLN A 365 20.91 -17.54 -29.49
C GLN A 365 21.35 -18.89 -30.03
N ASP A 366 21.31 -19.90 -29.18
CA ASP A 366 21.63 -21.26 -29.61
C ASP A 366 20.65 -21.72 -30.67
N ASP A 367 21.17 -22.30 -31.75
CA ASP A 367 20.31 -22.72 -32.85
C ASP A 367 19.45 -23.91 -32.49
N ARG A 368 19.71 -24.57 -31.36
CA ARG A 368 18.93 -25.73 -30.96
C ARG A 368 17.67 -25.37 -30.18
N LEU A 369 17.48 -24.10 -29.83
CA LEU A 369 16.29 -23.68 -29.12
C LEU A 369 15.11 -23.53 -30.09
N THR A 370 13.93 -23.90 -29.62
CA THR A 370 12.76 -23.96 -30.48
C THR A 370 12.41 -22.59 -31.05
N GLN A 371 12.44 -21.56 -30.21
CA GLN A 371 12.00 -20.23 -30.62
C GLN A 371 12.89 -19.18 -29.96
N SER A 372 12.63 -17.93 -30.29
CA SER A 372 13.44 -16.83 -29.78
C SER A 372 13.34 -16.74 -28.27
N MET A 373 14.40 -16.26 -27.64
CA MET A 373 14.48 -16.22 -26.20
C MET A 373 13.48 -15.22 -25.63
N CYS A 374 12.89 -15.57 -24.49
CA CYS A 374 11.88 -14.73 -23.86
C CYS A 374 12.56 -13.68 -22.99
N LEU A 375 12.26 -12.40 -23.25
CA LEU A 375 12.86 -11.29 -22.55
C LEU A 375 11.84 -10.55 -21.67
N VAL A 376 10.77 -11.24 -21.28
CA VAL A 376 9.71 -10.59 -20.52
C VAL A 376 10.25 -10.05 -19.20
N GLY A 377 11.01 -10.88 -18.48
CA GLY A 377 11.56 -10.49 -17.20
C GLY A 377 12.87 -9.76 -17.26
N SER A 378 13.47 -9.63 -18.44
CA SER A 378 14.78 -9.01 -18.57
C SER A 378 14.66 -7.51 -18.37
N THR A 379 15.53 -6.94 -17.53
CA THR A 379 15.56 -5.50 -17.31
C THR A 379 16.24 -4.77 -18.47
N LEU A 380 16.87 -5.47 -19.39
CA LEU A 380 17.56 -4.87 -20.51
C LEU A 380 16.75 -4.90 -21.81
N ARG A 381 15.53 -5.42 -21.77
CA ARG A 381 14.73 -5.54 -22.98
C ARG A 381 14.56 -4.19 -23.66
N ALA A 382 14.91 -4.13 -24.94
CA ALA A 382 14.88 -2.87 -25.65
C ALA A 382 13.44 -2.50 -26.01
N PRO A 383 13.09 -1.22 -25.92
CA PRO A 383 11.78 -0.79 -26.39
C PRO A 383 11.67 -0.93 -27.90
N HIS A 384 10.46 -1.21 -28.37
CA HIS A 384 10.24 -1.37 -29.79
C HIS A 384 10.48 -0.05 -30.50
N GLY A 385 10.72 -0.12 -31.81
CA GLY A 385 10.93 1.09 -32.58
C GLY A 385 9.77 2.05 -32.48
N CYS A 386 8.56 1.53 -32.25
CA CYS A 386 7.39 2.37 -32.11
C CYS A 386 7.54 3.35 -30.95
N HIS A 387 7.85 2.83 -29.76
CA HIS A 387 7.97 3.70 -28.60
C HIS A 387 9.27 4.50 -28.64
N SER A 388 10.34 3.94 -29.23
CA SER A 388 11.57 4.71 -29.36
C SER A 388 11.35 5.93 -30.24
N GLN A 389 10.64 5.76 -31.36
CA GLN A 389 10.31 6.89 -32.21
C GLN A 389 9.38 7.86 -31.49
N TYR A 390 8.41 7.34 -30.73
CA TYR A 390 7.54 8.23 -29.97
C TYR A 390 8.33 9.08 -28.99
N MET A 391 9.27 8.48 -28.27
CA MET A 391 10.07 9.22 -27.29
C MET A 391 10.99 10.22 -27.99
N ALA A 392 11.57 9.83 -29.12
CA ALA A 392 12.43 10.75 -29.85
C ALA A 392 11.64 11.97 -30.32
N ASN A 393 10.44 11.75 -30.87
CA ASN A 393 9.59 12.87 -31.28
C ASN A 393 9.19 13.71 -30.09
N MET A 394 8.84 13.07 -28.97
CA MET A 394 8.50 13.79 -27.76
C MET A 394 9.62 14.72 -27.31
N GLY A 395 10.87 14.34 -27.55
CA GLY A 395 12.01 15.04 -27.01
C GLY A 395 12.58 14.42 -25.76
N SER A 396 12.10 13.25 -25.35
CA SER A 396 12.60 12.54 -24.18
C SER A 396 13.51 11.41 -24.62
N ILE A 397 14.67 11.33 -23.97
CA ILE A 397 15.68 10.31 -24.31
C ILE A 397 15.61 9.13 -23.35
N ALA A 398 15.68 9.38 -22.06
CA ALA A 398 15.59 8.35 -21.05
C ALA A 398 14.18 8.30 -20.46
N SER A 399 13.88 7.18 -19.81
CA SER A 399 12.56 6.97 -19.23
C SER A 399 12.67 5.98 -18.08
N LEU A 400 11.75 6.13 -17.12
CA LEU A 400 11.67 5.21 -15.96
C LEU A 400 10.20 5.12 -15.58
N ALA A 401 9.56 4.02 -15.99
CA ALA A 401 8.14 3.82 -15.75
C ALA A 401 7.96 2.86 -14.59
N MET A 402 7.23 3.30 -13.56
CA MET A 402 6.93 2.50 -12.39
C MET A 402 5.43 2.26 -12.32
N ALA A 403 5.05 0.99 -12.24
CA ALA A 403 3.64 0.62 -12.24
C ALA A 403 2.98 0.95 -10.91
N VAL A 404 1.76 1.45 -10.97
CA VAL A 404 0.92 1.66 -9.80
C VAL A 404 -0.08 0.50 -9.76
N ILE A 405 0.10 -0.40 -8.81
CA ILE A 405 -0.67 -1.62 -8.70
C ILE A 405 -1.59 -1.50 -7.50
N ILE A 406 -2.89 -1.67 -7.72
CA ILE A 406 -3.89 -1.65 -6.66
C ILE A 406 -4.61 -2.99 -6.68
N ASN A 407 -5.23 -3.33 -5.56
CA ASN A 407 -5.93 -4.59 -5.42
C ASN A 407 -7.28 -4.50 -6.12
N GLY A 408 -7.47 -5.30 -7.17
CA GLY A 408 -8.70 -5.29 -7.92
C GLY A 408 -8.87 -6.54 -8.78
N SER A 422 -4.89 -11.29 -8.70
CA SER A 422 -5.90 -10.43 -9.30
C SER A 422 -5.62 -8.97 -8.97
N MET A 423 -4.47 -8.48 -9.42
CA MET A 423 -4.07 -7.09 -9.22
C MET A 423 -4.40 -6.27 -10.46
N ARG A 424 -4.56 -4.97 -10.26
CA ARG A 424 -4.97 -4.05 -11.31
C ARG A 424 -3.93 -2.95 -11.47
N LEU A 425 -3.67 -2.56 -12.72
CA LEU A 425 -2.75 -1.47 -13.02
C LEU A 425 -3.55 -0.18 -13.07
N TRP A 426 -3.57 0.54 -11.94
CA TRP A 426 -4.28 1.81 -11.88
C TRP A 426 -3.66 2.83 -12.81
N GLY A 427 -2.36 2.71 -13.05
CA GLY A 427 -1.68 3.67 -13.88
C GLY A 427 -0.18 3.49 -13.80
N LEU A 428 0.53 4.58 -14.07
CA LEU A 428 1.98 4.58 -14.07
C LEU A 428 2.51 5.84 -13.43
N VAL A 429 3.77 5.77 -12.99
CA VAL A 429 4.54 6.94 -12.59
C VAL A 429 5.79 6.94 -13.46
N VAL A 430 5.83 7.79 -14.47
CA VAL A 430 6.87 7.75 -15.49
C VAL A 430 7.77 8.97 -15.32
N CYS A 431 9.07 8.73 -15.32
CA CYS A 431 10.08 9.78 -15.28
C CYS A 431 10.78 9.85 -16.63
N HIS A 432 10.74 11.02 -17.25
CA HIS A 432 11.37 11.27 -18.54
C HIS A 432 12.56 12.20 -18.35
N HIS A 433 13.60 11.96 -19.13
CA HIS A 433 14.81 12.79 -19.12
C HIS A 433 15.09 13.26 -20.53
N THR A 434 15.60 14.48 -20.64
CA THR A 434 15.95 15.05 -21.94
C THR A 434 17.30 14.52 -22.45
N SER A 435 18.01 13.75 -21.64
CA SER A 435 19.27 13.15 -22.07
C SER A 435 19.36 11.75 -21.47
N SER A 436 20.33 10.98 -21.95
CA SER A 436 20.52 9.62 -21.46
C SER A 436 20.70 9.61 -19.95
N ARG A 437 20.00 8.69 -19.28
CA ARG A 437 20.07 8.59 -17.82
C ARG A 437 19.88 7.14 -17.41
N CYS A 438 20.92 6.56 -16.81
CA CYS A 438 20.86 5.23 -16.23
C CYS A 438 21.06 5.38 -14.72
N ILE A 439 20.18 4.78 -13.93
CA ILE A 439 20.24 4.89 -12.48
C ILE A 439 20.64 3.55 -11.88
N PRO A 440 21.30 3.53 -10.72
CA PRO A 440 21.72 2.27 -10.13
C PRO A 440 20.55 1.42 -9.69
N PHE A 441 20.79 0.11 -9.67
CA PHE A 441 19.73 -0.85 -9.35
C PHE A 441 19.16 -0.64 -7.96
N PRO A 442 19.96 -0.38 -6.91
CA PRO A 442 19.37 -0.06 -5.61
C PRO A 442 18.39 1.09 -5.66
N LEU A 443 18.66 2.12 -6.47
CA LEU A 443 17.71 3.22 -6.61
C LEU A 443 16.41 2.73 -7.24
N ARG A 444 16.51 1.81 -8.20
CA ARG A 444 15.29 1.24 -8.78
C ARG A 444 14.49 0.47 -7.75
N TYR A 445 15.15 -0.27 -6.85
CA TYR A 445 14.39 -0.98 -5.82
C TYR A 445 13.79 -0.02 -4.80
N ALA A 446 14.50 1.06 -4.49
CA ALA A 446 13.91 2.09 -3.63
C ALA A 446 12.67 2.69 -4.28
N CYS A 447 12.73 2.95 -5.59
CA CYS A 447 11.58 3.44 -6.31
C CYS A 447 10.43 2.45 -6.27
N GLU A 448 10.73 1.17 -6.41
CA GLU A 448 9.67 0.15 -6.35
C GLU A 448 9.03 0.10 -4.98
N PHE A 449 9.83 0.22 -3.91
CA PHE A 449 9.27 0.27 -2.56
C PHE A 449 8.36 1.47 -2.37
N LEU A 450 8.81 2.65 -2.83
CA LEU A 450 7.98 3.84 -2.73
C LEU A 450 6.69 3.66 -3.54
N MET A 451 6.77 3.01 -4.70
CA MET A 451 5.59 2.82 -5.52
C MET A 451 4.63 1.82 -4.89
N GLN A 452 5.14 0.81 -4.18
CA GLN A 452 4.25 -0.09 -3.45
C GLN A 452 3.51 0.66 -2.35
N ALA A 453 4.22 1.53 -1.61
CA ALA A 453 3.55 2.33 -0.61
C ALA A 453 2.48 3.22 -1.24
N PHE A 454 2.82 3.84 -2.37
CA PHE A 454 1.86 4.67 -3.09
C PHE A 454 0.64 3.86 -3.51
N GLY A 455 0.85 2.64 -4.00
CA GLY A 455 -0.28 1.80 -4.39
C GLY A 455 -1.17 1.44 -3.22
N LEU A 456 -0.58 1.07 -2.09
CA LEU A 456 -1.37 0.77 -0.91
C LEU A 456 -2.22 1.97 -0.50
N GLN A 457 -1.60 3.13 -0.36
CA GLN A 457 -2.36 4.29 0.09
C GLN A 457 -3.38 4.73 -0.96
N LEU A 458 -3.08 4.55 -2.24
CA LEU A 458 -4.03 4.92 -3.29
C LEU A 458 -5.24 4.01 -3.26
N ASN A 459 -5.03 2.70 -3.01
CA ASN A 459 -6.16 1.80 -2.84
C ASN A 459 -7.00 2.22 -1.65
N MET A 460 -6.34 2.59 -0.55
CA MET A 460 -7.06 3.14 0.60
C MET A 460 -7.95 4.30 0.17
N GLU A 461 -7.38 5.27 -0.53
CA GLU A 461 -8.12 6.46 -0.91
C GLU A 461 -9.28 6.11 -1.83
N LEU A 462 -9.07 5.19 -2.77
CA LEU A 462 -10.15 4.83 -3.69
C LEU A 462 -11.31 4.18 -2.95
N GLN A 463 -11.03 3.26 -2.03
CA GLN A 463 -12.12 2.64 -1.28
C GLN A 463 -12.82 3.64 -0.36
N LEU A 464 -12.07 4.54 0.28
CA LEU A 464 -12.70 5.56 1.11
C LEU A 464 -13.58 6.48 0.27
N ALA A 465 -13.13 6.83 -0.93
CA ALA A 465 -13.95 7.65 -1.81
C ALA A 465 -15.22 6.92 -2.22
N LEU A 466 -15.11 5.62 -2.48
CA LEU A 466 -16.32 4.83 -2.77
C LEU A 466 -17.30 4.89 -1.60
N GLN A 467 -16.81 4.72 -0.37
CA GLN A 467 -17.68 4.77 0.79
C GLN A 467 -18.33 6.14 0.94
N MET A 468 -17.55 7.20 0.76
CA MET A 468 -18.10 8.55 0.88
C MET A 468 -19.15 8.83 -0.20
N SER A 469 -18.90 8.36 -1.42
CA SER A 469 -19.90 8.52 -2.49
C SER A 469 -21.18 7.78 -2.14
N GLU A 470 -21.06 6.57 -1.59
CA GLU A 470 -22.26 5.83 -1.17
C GLU A 470 -23.03 6.61 -0.11
N LYS A 471 -22.31 7.16 0.87
CA LYS A 471 -22.98 7.92 1.93
C LYS A 471 -23.69 9.15 1.36
N ARG A 472 -23.02 9.88 0.47
CA ARG A 472 -23.62 11.07 -0.12
C ARG A 472 -24.87 10.71 -0.92
N VAL A 473 -24.78 9.61 -1.68
CA VAL A 473 -25.93 9.17 -2.48
C VAL A 473 -27.09 8.80 -1.56
N LEU A 474 -26.81 8.12 -0.45
CA LEU A 474 -27.87 7.75 0.49
C LEU A 474 -28.52 9.00 1.08
N ARG A 475 -27.71 9.99 1.45
CA ARG A 475 -28.27 11.23 2.00
C ARG A 475 -29.16 11.92 0.98
N THR A 476 -28.69 12.02 -0.27
CA THR A 476 -29.48 12.68 -1.30
C THR A 476 -30.78 11.93 -1.53
N GLN A 477 -30.72 10.59 -1.58
CA GLN A 477 -31.94 9.81 -1.77
C GLN A 477 -32.92 10.04 -0.63
N THR A 478 -32.42 10.06 0.61
CA THR A 478 -33.31 10.26 1.75
C THR A 478 -33.97 11.63 1.68
N LEU A 479 -33.20 12.67 1.34
CA LEU A 479 -33.79 13.99 1.21
C LEU A 479 -34.83 14.03 0.11
N LEU A 480 -34.55 13.38 -1.03
CA LEU A 480 -35.51 13.36 -2.12
C LEU A 480 -36.80 12.67 -1.71
N CYS A 481 -36.69 11.54 -1.00
CA CYS A 481 -37.89 10.86 -0.51
C CYS A 481 -38.67 11.75 0.46
N ASP A 482 -37.96 12.42 1.37
CA ASP A 482 -38.64 13.29 2.32
C ASP A 482 -39.40 14.40 1.60
N MET A 483 -38.78 15.01 0.58
CA MET A 483 -39.45 16.06 -0.15
C MET A 483 -40.64 15.53 -0.94
N LEU A 484 -40.49 14.37 -1.57
CA LEU A 484 -41.60 13.79 -2.33
C LEU A 484 -42.79 13.49 -1.42
N LEU A 485 -42.51 12.93 -0.24
CA LEU A 485 -43.60 12.57 0.67
C LEU A 485 -44.32 13.83 1.18
N ARG A 486 -43.58 14.85 1.54
CA ARG A 486 -44.14 16.07 2.14
C ARG A 486 -44.15 17.23 1.16
N ASP A 487 -44.39 16.93 -0.12
CA ASP A 487 -44.46 17.96 -1.15
C ASP A 487 -44.95 17.36 -2.46
N SER A 488 -45.16 18.22 -3.46
CA SER A 488 -45.53 17.74 -4.78
C SER A 488 -44.31 17.09 -5.44
N PRO A 489 -44.54 16.27 -6.48
CA PRO A 489 -43.39 15.63 -7.14
C PRO A 489 -42.35 16.64 -7.63
N ALA A 490 -42.79 17.77 -8.18
CA ALA A 490 -41.86 18.81 -8.59
C ALA A 490 -40.91 19.22 -7.48
N GLY A 491 -41.22 18.88 -6.23
CA GLY A 491 -40.33 19.20 -5.12
C GLY A 491 -38.96 18.58 -5.26
N ILE A 492 -38.83 17.49 -6.03
CA ILE A 492 -37.50 16.89 -6.23
C ILE A 492 -36.70 17.59 -7.32
N VAL A 493 -37.29 18.57 -7.99
CA VAL A 493 -36.56 19.34 -9.00
C VAL A 493 -36.56 20.83 -8.72
N THR A 494 -37.51 21.38 -7.97
CA THR A 494 -37.56 22.80 -7.69
C THR A 494 -36.81 23.20 -6.43
N GLN A 495 -36.27 22.24 -5.68
CA GLN A 495 -35.58 22.50 -4.43
C GLN A 495 -34.08 22.32 -4.60
N SER A 496 -33.33 22.73 -3.57
CA SER A 496 -31.87 22.75 -3.67
C SER A 496 -31.27 21.36 -3.87
N PRO A 497 -31.56 20.35 -3.03
CA PRO A 497 -31.01 19.01 -3.31
C PRO A 497 -31.85 18.26 -4.33
N SER A 498 -31.86 18.77 -5.57
CA SER A 498 -32.64 18.17 -6.63
C SER A 498 -31.97 16.90 -7.15
N ILE A 499 -32.65 16.23 -8.08
CA ILE A 499 -32.12 14.99 -8.65
C ILE A 499 -30.80 15.23 -9.35
N MET A 500 -30.55 16.44 -9.83
CA MET A 500 -29.27 16.74 -10.48
C MET A 500 -28.09 16.53 -9.53
N ASP A 501 -28.32 16.60 -8.23
CA ASP A 501 -27.26 16.39 -7.24
C ASP A 501 -27.08 14.93 -6.89
N LEU A 502 -27.90 14.03 -7.43
CA LEU A 502 -27.76 12.61 -7.12
C LEU A 502 -26.45 12.06 -7.70
N VAL A 503 -26.18 12.33 -8.97
CA VAL A 503 -25.02 11.80 -9.66
C VAL A 503 -24.33 12.94 -10.40
N LYS A 504 -23.07 12.70 -10.75
CA LYS A 504 -22.32 13.68 -11.52
C LYS A 504 -22.91 13.81 -12.92
N CYS A 505 -23.45 14.98 -13.23
CA CYS A 505 -24.07 15.20 -14.53
C CYS A 505 -24.04 16.71 -14.82
N ASP A 506 -24.13 17.03 -16.11
CA ASP A 506 -24.22 18.41 -16.54
C ASP A 506 -25.64 18.94 -16.58
N GLY A 507 -26.63 18.09 -16.35
CA GLY A 507 -28.00 18.53 -16.29
C GLY A 507 -28.92 17.38 -15.94
N ALA A 508 -30.20 17.71 -15.80
CA ALA A 508 -31.20 16.71 -15.47
C ALA A 508 -32.56 17.21 -15.90
N ALA A 509 -33.56 16.35 -15.78
CA ALA A 509 -34.91 16.72 -16.19
C ALA A 509 -35.90 15.70 -15.64
N PHE A 510 -37.12 16.17 -15.39
CA PHE A 510 -38.23 15.33 -14.96
C PHE A 510 -39.40 15.61 -15.88
N LEU A 511 -39.91 14.56 -16.53
CA LEU A 511 -41.13 14.65 -17.33
C LEU A 511 -42.25 13.99 -16.53
N TYR A 512 -43.24 14.79 -16.12
CA TYR A 512 -44.30 14.34 -15.22
C TYR A 512 -45.65 14.77 -15.81
N HIS A 513 -46.40 13.80 -16.33
CA HIS A 513 -47.75 14.06 -16.84
C HIS A 513 -47.74 15.16 -17.89
N GLY A 514 -46.69 15.18 -18.72
CA GLY A 514 -46.56 16.17 -19.77
C GLY A 514 -45.86 17.44 -19.35
N LYS A 515 -45.62 17.65 -18.06
CA LYS A 515 -44.90 18.82 -17.59
C LYS A 515 -43.41 18.53 -17.63
N TYR A 516 -42.64 19.48 -18.16
CA TYR A 516 -41.20 19.33 -18.31
C TYR A 516 -40.51 20.23 -17.28
N TYR A 517 -39.69 19.62 -16.42
CA TYR A 517 -38.93 20.35 -15.43
C TYR A 517 -37.45 20.12 -15.69
N PRO A 518 -36.77 21.02 -16.41
CA PRO A 518 -35.34 20.84 -16.66
C PRO A 518 -34.49 21.47 -15.57
N LEU A 519 -33.23 21.07 -15.53
CA LEU A 519 -32.24 21.59 -14.60
C LEU A 519 -30.88 21.59 -15.29
N GLY A 520 -30.18 22.72 -15.18
CA GLY A 520 -28.89 22.82 -15.84
C GLY A 520 -29.05 22.72 -17.35
N VAL A 521 -28.19 21.90 -17.97
CA VAL A 521 -28.19 21.73 -19.42
C VAL A 521 -29.04 20.51 -19.76
N ALA A 522 -30.21 20.75 -20.34
CA ALA A 522 -31.11 19.69 -20.75
C ALA A 522 -31.71 20.05 -22.10
N PRO A 523 -32.19 19.06 -22.85
CA PRO A 523 -32.80 19.37 -24.15
C PRO A 523 -34.04 20.23 -24.01
N SER A 524 -34.31 21.02 -25.05
CA SER A 524 -35.52 21.81 -25.09
C SER A 524 -36.75 20.89 -25.05
N GLU A 525 -37.92 21.51 -24.87
CA GLU A 525 -39.14 20.75 -24.68
C GLU A 525 -39.45 19.87 -25.89
N VAL A 526 -39.34 20.42 -27.09
CA VAL A 526 -39.58 19.63 -28.29
C VAL A 526 -38.53 18.53 -28.41
N GLN A 527 -37.27 18.85 -28.09
CA GLN A 527 -36.23 17.84 -28.16
C GLN A 527 -36.47 16.72 -27.15
N ILE A 528 -36.94 17.05 -25.96
CA ILE A 528 -37.21 16.00 -24.99
C ILE A 528 -38.40 15.16 -25.41
N LYS A 529 -39.42 15.77 -26.03
CA LYS A 529 -40.49 14.95 -26.60
C LYS A 529 -39.96 14.00 -27.67
N ASP A 530 -39.06 14.48 -28.52
CA ASP A 530 -38.49 13.60 -29.54
C ASP A 530 -37.69 12.47 -28.91
N VAL A 531 -36.93 12.76 -27.86
CA VAL A 531 -36.15 11.73 -27.18
C VAL A 531 -37.08 10.70 -26.56
N VAL A 532 -38.17 11.16 -25.93
CA VAL A 532 -39.12 10.23 -25.33
C VAL A 532 -39.76 9.35 -26.40
N GLU A 533 -40.11 9.94 -27.54
CA GLU A 533 -40.68 9.15 -28.63
C GLU A 533 -39.69 8.09 -29.10
N TRP A 534 -38.42 8.47 -29.24
CA TRP A 534 -37.41 7.49 -29.63
C TRP A 534 -37.30 6.37 -28.60
N LEU A 535 -37.28 6.72 -27.32
CA LEU A 535 -37.17 5.72 -26.28
C LEU A 535 -38.35 4.75 -26.32
N LEU A 536 -39.56 5.29 -26.47
CA LEU A 536 -40.73 4.43 -26.54
C LEU A 536 -40.71 3.54 -27.78
N ALA A 537 -40.25 4.08 -28.91
CA ALA A 537 -40.25 3.30 -30.14
C ALA A 537 -39.21 2.17 -30.08
N ASN A 538 -38.04 2.44 -29.50
CA ASN A 538 -36.93 1.50 -29.57
C ASN A 538 -36.58 0.85 -28.23
N HIS A 539 -36.96 1.44 -27.11
CA HIS A 539 -36.58 0.94 -25.79
C HIS A 539 -37.77 0.88 -24.86
N ALA A 540 -38.89 0.33 -25.32
CA ALA A 540 -40.06 0.15 -24.48
C ALA A 540 -40.04 -1.14 -23.67
N ASP A 541 -39.07 -2.02 -23.92
CA ASP A 541 -38.98 -3.29 -23.21
C ASP A 541 -38.06 -3.23 -21.99
N SER A 542 -37.53 -2.07 -21.66
CA SER A 542 -36.62 -1.91 -20.54
C SER A 542 -37.21 -0.90 -19.55
N THR A 543 -36.47 -0.67 -18.46
CA THR A 543 -36.86 0.30 -17.44
C THR A 543 -35.80 1.37 -17.25
N GLY A 544 -35.03 1.69 -18.28
CA GLY A 544 -34.00 2.71 -18.19
C GLY A 544 -32.76 2.31 -18.95
N LEU A 545 -31.94 3.28 -19.33
CA LEU A 545 -30.71 3.00 -20.06
C LEU A 545 -29.74 4.14 -19.86
N SER A 546 -28.46 3.81 -19.88
CA SER A 546 -27.37 4.78 -19.77
C SER A 546 -26.59 4.79 -21.08
N THR A 547 -26.38 5.99 -21.61
CA THR A 547 -25.75 6.15 -22.92
C THR A 547 -24.59 7.13 -22.81
N ASP A 548 -23.44 6.75 -23.37
CA ASP A 548 -22.32 7.68 -23.44
C ASP A 548 -22.55 8.76 -24.50
N SER A 549 -23.09 8.36 -25.65
CA SER A 549 -23.36 9.29 -26.73
C SER A 549 -24.67 8.90 -27.40
N LEU A 550 -25.57 9.88 -27.55
CA LEU A 550 -26.83 9.60 -28.23
C LEU A 550 -26.60 9.32 -29.71
N GLY A 551 -25.54 9.85 -30.29
CA GLY A 551 -25.25 9.58 -31.69
C GLY A 551 -24.96 8.11 -31.95
N ASP A 552 -24.14 7.49 -31.09
CA ASP A 552 -23.82 6.08 -31.26
C ASP A 552 -25.00 5.19 -30.91
N ALA A 553 -25.85 5.62 -29.98
CA ALA A 553 -27.03 4.85 -29.60
C ALA A 553 -28.09 4.82 -30.69
N GLY A 554 -27.95 5.61 -31.74
CA GLY A 554 -28.89 5.59 -32.83
C GLY A 554 -30.07 6.53 -32.68
N TYR A 555 -29.93 7.59 -31.90
CA TYR A 555 -31.01 8.56 -31.76
C TYR A 555 -31.05 9.44 -33.00
N PRO A 556 -32.17 9.47 -33.74
CA PRO A 556 -32.23 10.33 -34.93
C PRO A 556 -32.41 11.80 -34.59
N GLY A 557 -31.30 12.50 -34.34
CA GLY A 557 -31.35 13.89 -33.95
C GLY A 557 -30.37 14.25 -32.87
N ALA A 558 -29.52 13.31 -32.47
CA ALA A 558 -28.49 13.60 -31.48
C ALA A 558 -27.58 14.73 -31.96
N ALA A 559 -27.42 14.89 -33.28
CA ALA A 559 -26.64 15.99 -33.81
C ALA A 559 -27.27 17.34 -33.45
N ALA A 560 -28.61 17.42 -33.49
CA ALA A 560 -29.28 18.66 -33.13
C ALA A 560 -28.98 19.06 -31.69
N LEU A 561 -28.98 18.09 -30.78
CA LEU A 561 -28.63 18.38 -29.39
C LEU A 561 -27.21 18.92 -29.29
N GLY A 562 -26.32 18.52 -30.19
CA GLY A 562 -24.97 19.03 -30.21
C GLY A 562 -24.12 18.44 -29.11
N ASP A 563 -23.04 19.16 -28.79
CA ASP A 563 -22.11 18.74 -27.75
C ASP A 563 -22.62 19.03 -26.34
N ALA A 564 -23.67 19.86 -26.21
CA ALA A 564 -24.19 20.17 -24.88
C ALA A 564 -24.79 18.94 -24.22
N VAL A 565 -25.52 18.13 -24.98
CA VAL A 565 -26.18 16.93 -24.45
C VAL A 565 -25.68 15.75 -25.29
N CYS A 566 -24.82 14.93 -24.69
CA CYS A 566 -24.29 13.74 -25.33
C CYS A 566 -24.72 12.45 -24.63
N GLY A 567 -24.54 12.38 -23.32
CA GLY A 567 -24.94 11.21 -22.56
C GLY A 567 -26.33 11.35 -21.98
N MET A 568 -26.91 10.22 -21.58
CA MET A 568 -28.21 10.19 -20.95
C MET A 568 -28.28 9.00 -20.00
N ALA A 569 -29.07 9.14 -18.94
CA ALA A 569 -29.31 8.07 -17.97
C ALA A 569 -30.80 8.00 -17.66
N VAL A 570 -31.61 8.01 -18.71
CA VAL A 570 -33.06 8.03 -18.53
C VAL A 570 -33.49 6.88 -17.62
N ALA A 571 -34.40 7.18 -16.70
CA ALA A 571 -34.97 6.19 -15.80
C ALA A 571 -36.48 6.21 -15.95
N TYR A 572 -37.07 5.04 -16.16
CA TYR A 572 -38.51 4.93 -16.37
C TYR A 572 -39.23 4.93 -15.02
N ILE A 573 -40.16 5.88 -14.85
CA ILE A 573 -41.02 5.92 -13.68
C ILE A 573 -42.41 5.34 -14.02
N THR A 574 -42.97 5.76 -15.15
CA THR A 574 -44.20 5.18 -15.67
C THR A 574 -44.08 5.04 -17.19
N LYS A 575 -45.20 4.77 -17.87
CA LYS A 575 -45.18 4.71 -19.32
C LYS A 575 -45.01 6.09 -19.95
N ARG A 576 -45.19 7.15 -19.17
CA ARG A 576 -45.05 8.52 -19.69
C ARG A 576 -44.26 9.44 -18.77
N ASP A 577 -43.96 9.04 -17.54
CA ASP A 577 -43.16 9.84 -16.62
C ASP A 577 -41.72 9.35 -16.63
N PHE A 578 -40.77 10.29 -16.78
CA PHE A 578 -39.38 9.92 -16.97
C PHE A 578 -38.48 10.82 -16.13
N LEU A 579 -37.34 10.25 -15.73
CA LEU A 579 -36.24 11.00 -15.14
C LEU A 579 -35.03 10.91 -16.09
N PHE A 580 -34.42 12.05 -16.38
CA PHE A 580 -33.29 12.11 -17.27
C PHE A 580 -32.11 12.77 -16.57
N TRP A 581 -30.92 12.23 -16.79
CA TRP A 581 -29.66 12.87 -16.40
C TRP A 581 -28.81 13.02 -17.64
N PHE A 582 -28.29 14.23 -17.87
CA PHE A 582 -27.59 14.56 -19.10
C PHE A 582 -26.16 15.00 -18.80
N ARG A 583 -25.25 14.65 -19.71
CA ARG A 583 -23.86 15.05 -19.65
C ARG A 583 -23.43 15.63 -20.98
N SER A 584 -22.43 16.51 -20.94
CA SER A 584 -21.85 17.05 -22.16
C SER A 584 -20.64 16.23 -22.58
N HIS A 585 -20.13 16.51 -23.78
CA HIS A 585 -19.01 15.75 -24.31
C HIS A 585 -17.77 15.95 -23.43
N THR A 586 -16.93 14.92 -23.37
CA THR A 586 -15.79 14.93 -22.45
C THR A 586 -14.89 16.13 -22.69
N ALA A 587 -14.73 16.56 -23.94
CA ALA A 587 -13.82 17.64 -24.24
C ALA A 587 -14.20 18.94 -23.53
N LYS A 588 -15.44 19.05 -23.07
CA LYS A 588 -15.84 20.22 -22.29
C LYS A 588 -15.05 20.33 -21.00
N GLU A 589 -14.79 19.20 -20.35
CA GLU A 589 -14.11 19.18 -19.06
C GLU A 589 -12.61 18.88 -19.18
N ILE A 590 -12.08 18.89 -20.39
CA ILE A 590 -10.67 18.58 -20.64
C ILE A 590 -10.01 19.82 -21.21
N LYS A 591 -8.95 20.29 -20.53
CA LYS A 591 -8.22 21.48 -20.96
C LYS A 591 -6.73 21.20 -20.85
N TRP A 592 -6.02 21.31 -21.97
CA TRP A 592 -4.57 21.18 -21.98
C TRP A 592 -3.99 22.24 -22.90
N GLY A 593 -2.94 22.90 -22.45
CA GLY A 593 -2.32 23.96 -23.22
C GLY A 593 -1.46 23.44 -24.35
N GLY A 594 -2.09 22.87 -25.36
CA GLY A 594 -1.38 22.36 -26.53
C GLY A 594 -2.29 22.14 -27.72
N GLY A 605 -1.60 15.55 -37.66
CA GLY A 605 -1.13 14.79 -36.52
C GLY A 605 -0.47 13.49 -36.94
N GLN A 606 0.32 13.54 -38.02
CA GLN A 606 0.99 12.34 -38.50
C GLN A 606 2.07 11.89 -37.52
N ARG A 607 2.87 12.82 -37.02
CA ARG A 607 3.99 12.46 -36.16
C ARG A 607 3.49 11.92 -34.83
N MET A 608 4.23 10.95 -34.29
CA MET A 608 3.95 10.43 -32.96
C MET A 608 4.45 11.44 -31.94
N HIS A 609 3.59 12.39 -31.58
CA HIS A 609 3.94 13.45 -30.66
C HIS A 609 2.79 13.61 -29.69
N PRO A 610 3.03 14.12 -28.47
CA PRO A 610 1.93 14.28 -27.51
C PRO A 610 0.75 15.09 -28.04
N ARG A 611 1.00 16.16 -28.80
CA ARG A 611 -0.11 16.91 -29.38
C ARG A 611 -0.93 16.05 -30.32
N SER A 612 -0.27 15.20 -31.11
CA SER A 612 -1.00 14.28 -31.96
C SER A 612 -1.84 13.32 -31.14
N SER A 613 -1.30 12.83 -30.03
CA SER A 613 -2.06 11.94 -29.16
C SER A 613 -3.28 12.64 -28.58
N PHE A 614 -3.12 13.89 -28.14
CA PHE A 614 -4.25 14.62 -27.60
C PHE A 614 -5.33 14.83 -28.66
N GLN A 615 -4.92 15.19 -29.88
CA GLN A 615 -5.89 15.39 -30.94
C GLN A 615 -6.60 14.08 -31.29
N ALA A 616 -5.86 12.97 -31.34
CA ALA A 616 -6.49 11.68 -31.60
C ALA A 616 -7.48 11.31 -30.51
N PHE A 617 -7.12 11.56 -29.25
CA PHE A 617 -8.04 11.29 -28.15
C PHE A 617 -9.31 12.12 -28.29
N LEU A 618 -9.17 13.42 -28.56
CA LEU A 618 -10.34 14.25 -28.77
C LEU A 618 -11.18 13.74 -29.93
N GLU A 619 -10.53 13.15 -30.94
CA GLU A 619 -11.28 12.53 -32.03
C GLU A 619 -12.07 11.32 -31.54
N VAL A 620 -11.47 10.53 -30.64
CA VAL A 620 -12.15 9.33 -30.14
C VAL A 620 -13.41 9.70 -29.37
N VAL A 621 -13.35 10.76 -28.57
CA VAL A 621 -14.43 11.14 -27.67
C VAL A 621 -15.13 12.37 -28.22
N LYS A 622 -15.13 12.53 -29.54
CA LYS A 622 -15.67 13.75 -30.15
C LYS A 622 -17.11 13.99 -29.72
N SER A 623 -17.93 12.95 -29.74
CA SER A 623 -19.36 13.07 -29.43
C SER A 623 -19.78 12.20 -28.26
N ARG A 624 -18.86 11.87 -27.35
CA ARG A 624 -19.16 11.03 -26.20
C ARG A 624 -18.95 11.81 -24.91
N SER A 625 -19.83 11.56 -23.94
CA SER A 625 -19.65 12.08 -22.60
C SER A 625 -18.87 11.09 -21.75
N GLN A 626 -18.67 11.41 -20.48
CA GLN A 626 -17.95 10.50 -19.61
C GLN A 626 -18.81 9.26 -19.34
N PRO A 627 -18.19 8.09 -19.12
CA PRO A 627 -18.98 6.88 -18.87
C PRO A 627 -19.83 7.03 -17.61
N TRP A 628 -21.00 6.39 -17.62
CA TRP A 628 -21.86 6.35 -16.45
C TRP A 628 -21.36 5.27 -15.52
N GLU A 629 -20.73 5.68 -14.42
CA GLU A 629 -20.14 4.72 -13.49
C GLU A 629 -21.22 3.79 -12.95
N THR A 630 -20.83 2.53 -12.69
CA THR A 630 -21.80 1.55 -12.21
C THR A 630 -22.46 2.01 -10.92
N ALA A 631 -21.70 2.68 -10.05
CA ALA A 631 -22.28 3.20 -8.83
C ALA A 631 -23.33 4.25 -9.11
N GLU A 632 -23.08 5.13 -10.09
CA GLU A 632 -24.05 6.16 -10.43
C GLU A 632 -25.34 5.55 -10.96
N MET A 633 -25.22 4.53 -11.82
CA MET A 633 -26.42 3.87 -12.33
C MET A 633 -27.14 3.11 -11.23
N ASP A 634 -26.41 2.53 -10.29
CA ASP A 634 -27.06 1.89 -9.14
C ASP A 634 -27.84 2.90 -8.32
N ALA A 635 -27.26 4.08 -8.09
CA ALA A 635 -27.98 5.13 -7.38
C ALA A 635 -29.23 5.55 -8.13
N ILE A 636 -29.11 5.71 -9.46
CA ILE A 636 -30.25 6.10 -10.26
C ILE A 636 -31.35 5.06 -10.17
N HIS A 637 -30.98 3.77 -10.22
CA HIS A 637 -31.98 2.71 -10.16
C HIS A 637 -32.63 2.63 -8.78
N SER A 638 -31.86 2.83 -7.71
CA SER A 638 -32.46 2.85 -6.38
C SER A 638 -33.47 3.98 -6.25
N LEU A 639 -33.09 5.19 -6.72
CA LEU A 639 -34.01 6.31 -6.67
C LEU A 639 -35.23 6.02 -7.51
N GLN A 640 -35.05 5.36 -8.66
CA GLN A 640 -36.15 4.99 -9.53
C GLN A 640 -37.12 4.05 -8.82
N LEU A 641 -36.59 3.03 -8.15
CA LEU A 641 -37.45 2.10 -7.43
C LEU A 641 -38.25 2.83 -6.36
N ILE A 642 -37.58 3.69 -5.59
CA ILE A 642 -38.28 4.41 -4.53
C ILE A 642 -39.39 5.27 -5.12
N LEU A 643 -39.09 6.01 -6.19
CA LEU A 643 -40.10 6.90 -6.77
C LEU A 643 -41.24 6.13 -7.40
N ARG A 644 -40.95 5.00 -8.04
CA ARG A 644 -42.02 4.19 -8.62
C ARG A 644 -42.93 3.64 -7.53
N ASP A 645 -42.34 3.19 -6.41
CA ASP A 645 -43.17 2.75 -5.29
C ASP A 645 -44.03 3.89 -4.76
N SER A 646 -43.45 5.08 -4.62
CA SER A 646 -44.22 6.21 -4.10
C SER A 646 -45.35 6.60 -5.04
N PHE A 647 -45.08 6.65 -6.35
CA PHE A 647 -46.07 7.13 -7.30
C PHE A 647 -47.18 6.11 -7.54
N LYS A 648 -46.82 4.82 -7.64
CA LYS A 648 -47.83 3.81 -7.93
C LYS A 648 -48.91 3.75 -6.86
N GLU A 649 -48.64 4.27 -5.67
CA GLU A 649 -49.63 4.33 -4.61
C GLU A 649 -50.40 5.64 -4.59
N SER A 650 -50.10 6.57 -5.49
CA SER A 650 -50.79 7.85 -5.53
C SER A 650 -51.94 7.81 -6.55
N ARG B 38 4.80 -18.54 1.72
CA ARG B 38 6.18 -18.16 1.97
C ARG B 38 6.67 -17.19 0.90
N LEU B 39 7.73 -16.45 1.23
CA LEU B 39 8.35 -15.55 0.26
C LEU B 39 8.98 -16.33 -0.86
N SER B 40 8.88 -15.80 -2.08
CA SER B 40 9.46 -16.44 -3.25
C SER B 40 9.84 -15.37 -4.26
N ASP B 41 10.82 -15.69 -5.10
CA ASP B 41 11.20 -14.80 -6.18
C ASP B 41 10.07 -14.67 -7.18
N GLN B 42 9.99 -13.51 -7.83
CA GLN B 42 8.92 -13.27 -8.78
C GLN B 42 9.05 -14.20 -9.98
N GLU B 43 7.93 -14.82 -10.34
CA GLU B 43 7.87 -15.67 -11.53
C GLU B 43 7.27 -14.88 -12.68
N TYR B 44 7.92 -14.90 -13.83
CA TYR B 44 7.52 -14.09 -14.96
C TYR B 44 6.67 -14.91 -15.93
N MET B 45 5.63 -14.27 -16.46
CA MET B 45 4.67 -14.91 -17.34
C MET B 45 4.74 -14.29 -18.73
N GLU B 46 4.30 -15.05 -19.73
CA GLU B 46 4.28 -14.61 -21.10
C GLU B 46 2.85 -14.68 -21.63
N LEU B 47 2.43 -13.66 -22.36
CA LEU B 47 1.11 -13.68 -22.98
C LEU B 47 1.14 -14.58 -24.21
N VAL B 48 0.15 -15.48 -24.30
CA VAL B 48 0.01 -16.37 -25.43
C VAL B 48 -1.44 -16.32 -25.90
N PHE B 49 -1.62 -16.45 -27.21
CA PHE B 49 -2.94 -16.45 -27.83
C PHE B 49 -3.31 -17.90 -28.12
N GLU B 50 -4.05 -18.51 -27.19
CA GLU B 50 -4.43 -19.91 -27.31
C GLU B 50 -5.93 -20.04 -27.10
N ASN B 51 -6.56 -20.85 -27.95
CA ASN B 51 -8.01 -21.06 -27.89
C ASN B 51 -8.77 -19.74 -27.96
N GLY B 52 -8.27 -18.81 -28.76
CA GLY B 52 -8.90 -17.51 -28.90
C GLY B 52 -8.86 -16.67 -27.65
N GLN B 53 -7.97 -16.99 -26.71
CA GLN B 53 -7.86 -16.27 -25.44
C GLN B 53 -6.42 -15.83 -25.20
N ILE B 54 -6.28 -14.66 -24.59
CA ILE B 54 -4.97 -14.14 -24.20
C ILE B 54 -4.70 -14.63 -22.78
N LEU B 55 -3.78 -15.57 -22.64
CA LEU B 55 -3.49 -16.23 -21.38
C LEU B 55 -2.07 -15.87 -20.94
N ALA B 56 -1.93 -15.49 -19.68
CA ALA B 56 -0.62 -15.20 -19.10
C ALA B 56 0.00 -16.51 -18.63
N LYS B 57 0.51 -17.28 -19.60
CA LYS B 57 1.08 -18.58 -19.32
C LYS B 57 2.40 -18.41 -18.58
N GLY B 58 2.55 -19.12 -17.46
CA GLY B 58 3.75 -18.96 -16.66
C GLY B 58 4.94 -19.66 -17.28
N GLN B 59 6.12 -19.05 -17.08
CA GLN B 59 7.36 -19.65 -17.51
C GLN B 59 7.75 -20.76 -16.55
N ARG B 60 8.10 -21.93 -17.10
CA ARG B 60 8.46 -23.09 -16.30
C ARG B 60 7.30 -23.50 -15.40
N GLN B 68 10.80 -26.61 -3.62
CA GLN B 68 10.03 -26.22 -2.44
C GLN B 68 10.97 -25.87 -1.30
N ARG B 69 10.72 -24.73 -0.66
CA ARG B 69 11.56 -24.25 0.44
C ARG B 69 10.90 -24.56 1.78
N THR B 70 11.69 -25.11 2.70
CA THR B 70 11.23 -25.37 4.06
C THR B 70 11.98 -24.58 5.11
N LYS B 71 13.18 -24.09 4.81
CA LYS B 71 13.95 -23.31 5.77
C LYS B 71 13.58 -21.83 5.69
N SER B 72 13.75 -21.14 6.81
CA SER B 72 13.43 -19.74 6.88
C SER B 72 14.45 -18.91 6.09
N ILE B 73 14.10 -17.65 5.86
CA ILE B 73 15.00 -16.77 5.11
C ILE B 73 16.31 -16.58 5.86
N MET B 74 16.28 -16.64 7.19
CA MET B 74 17.51 -16.50 7.96
C MET B 74 18.43 -17.69 7.75
N ASP B 75 17.86 -18.90 7.74
CA ASP B 75 18.68 -20.08 7.49
C ASP B 75 19.26 -20.04 6.08
N LEU B 76 18.47 -19.58 5.11
CA LEU B 76 18.97 -19.42 3.75
C LEU B 76 20.10 -18.39 3.71
N TYR B 77 19.98 -17.32 4.49
CA TYR B 77 21.04 -16.31 4.57
C TYR B 77 22.33 -16.92 5.12
N GLU B 78 22.22 -17.67 6.22
CA GLU B 78 23.41 -18.30 6.78
C GLU B 78 24.04 -19.28 5.80
N ALA B 79 23.21 -20.03 5.07
CA ALA B 79 23.75 -21.00 4.12
C ALA B 79 24.44 -20.32 2.95
N GLU B 80 23.78 -19.31 2.35
CA GLU B 80 24.29 -18.71 1.13
C GLU B 80 25.42 -17.72 1.38
N TYR B 81 25.38 -17.00 2.51
CA TYR B 81 26.38 -15.99 2.81
C TYR B 81 27.53 -16.53 3.64
N ASN B 82 27.77 -17.84 3.60
CA ASN B 82 28.92 -18.42 4.26
C ASN B 82 30.19 -18.02 3.52
N GLU B 83 31.19 -17.55 4.25
CA GLU B 83 32.45 -17.08 3.66
C GLU B 83 33.56 -18.11 3.71
N ASP B 84 33.25 -19.36 4.09
CA ASP B 84 34.29 -20.37 4.17
C ASP B 84 34.98 -20.58 2.82
N PHE B 85 34.28 -20.31 1.72
CA PHE B 85 34.88 -20.47 0.40
C PHE B 85 35.94 -19.42 0.12
N MET B 86 35.93 -18.30 0.83
CA MET B 86 36.94 -17.27 0.65
C MET B 86 38.22 -17.55 1.41
N LYS B 87 38.22 -18.51 2.32
CA LYS B 87 39.41 -18.83 3.09
C LYS B 87 40.39 -19.66 2.26
N GLY C 140 27.88 6.78 32.65
CA GLY C 140 26.64 6.96 31.92
C GLY C 140 25.71 5.77 32.03
N GLY C 141 24.98 5.50 30.94
CA GLY C 141 24.06 4.38 30.89
C GLY C 141 24.76 3.08 30.58
N TYR C 142 23.96 2.06 30.30
CA TYR C 142 24.45 0.73 29.99
C TYR C 142 23.94 0.31 28.61
N ILE C 143 24.77 -0.48 27.91
CA ILE C 143 24.43 -0.97 26.58
C ILE C 143 24.62 -2.48 26.56
N GLN C 144 24.03 -3.11 25.55
CA GLN C 144 24.16 -4.55 25.40
C GLN C 144 25.58 -4.89 24.92
N PRO C 145 26.14 -6.02 25.36
CA PRO C 145 27.52 -6.34 24.97
C PRO C 145 27.66 -6.81 23.53
N PHE C 146 26.57 -6.94 22.77
CA PHE C 146 26.66 -7.39 21.39
C PHE C 146 27.17 -6.29 20.46
N GLY C 147 27.32 -5.07 20.94
CA GLY C 147 27.83 -3.98 20.12
C GLY C 147 28.75 -3.06 20.89
N CYS C 148 29.06 -1.92 20.29
CA CYS C 148 29.92 -0.91 20.90
C CYS C 148 29.28 0.46 20.70
N MET C 149 29.64 1.41 21.55
CA MET C 149 29.11 2.77 21.46
C MET C 149 30.23 3.76 21.66
N ILE C 150 30.31 4.76 20.79
CA ILE C 150 31.25 5.87 20.92
C ILE C 150 30.51 7.16 20.65
N ALA C 151 30.53 8.08 21.60
CA ALA C 151 29.93 9.40 21.45
C ALA C 151 31.03 10.44 21.33
N VAL C 152 30.96 11.24 20.26
CA VAL C 152 32.03 12.16 19.91
C VAL C 152 31.45 13.57 19.75
N ASP C 153 32.34 14.55 19.89
CA ASP C 153 31.95 15.94 19.66
C ASP C 153 31.77 16.17 18.16
N GLU C 154 30.62 16.74 17.80
CA GLU C 154 30.28 16.88 16.39
C GLU C 154 31.28 17.78 15.66
N SER C 155 31.65 18.91 16.28
CA SER C 155 32.48 19.89 15.62
C SER C 155 33.94 19.45 15.48
N SER C 156 34.47 18.74 16.48
CA SER C 156 35.88 18.39 16.51
C SER C 156 36.14 16.90 16.41
N PHE C 157 35.10 16.07 16.37
CA PHE C 157 35.25 14.61 16.25
C PHE C 157 36.03 14.02 17.41
N ARG C 158 36.22 14.76 18.50
CA ARG C 158 36.92 14.25 19.67
C ARG C 158 35.96 13.41 20.49
N ILE C 159 36.44 12.25 20.97
CA ILE C 159 35.58 11.32 21.69
C ILE C 159 35.26 11.89 23.05
N ILE C 160 33.96 11.98 23.37
CA ILE C 160 33.51 12.43 24.69
C ILE C 160 32.98 11.29 25.54
N GLY C 161 32.76 10.11 24.96
CA GLY C 161 32.34 8.97 25.74
C GLY C 161 32.41 7.71 24.91
N TYR C 162 32.42 6.57 25.61
CA TYR C 162 32.48 5.30 24.92
C TYR C 162 32.14 4.18 25.89
N SER C 163 31.75 3.04 25.35
CA SER C 163 31.46 1.87 26.15
C SER C 163 32.75 1.17 26.57
N GLU C 164 32.67 0.38 27.65
CA GLU C 164 33.86 -0.29 28.15
C GLU C 164 34.41 -1.30 27.16
N ASN C 165 33.54 -1.95 26.39
CA ASN C 165 33.96 -2.97 25.43
C ASN C 165 34.36 -2.39 24.09
N ALA C 166 34.49 -1.07 23.98
CA ALA C 166 34.85 -0.48 22.69
C ALA C 166 36.24 -0.89 22.26
N ARG C 167 37.20 -0.89 23.19
CA ARG C 167 38.57 -1.24 22.84
C ARG C 167 38.69 -2.68 22.37
N GLU C 168 38.02 -3.60 23.06
CA GLU C 168 38.05 -5.00 22.63
C GLU C 168 37.29 -5.18 21.32
N MET C 169 36.16 -4.49 21.18
CA MET C 169 35.37 -4.62 19.96
C MET C 169 36.14 -4.14 18.74
N LEU C 170 36.88 -3.04 18.89
CA LEU C 170 37.65 -2.47 17.79
C LEU C 170 39.05 -3.05 17.68
N GLY C 171 39.41 -4.00 18.55
CA GLY C 171 40.73 -4.61 18.48
C GLY C 171 41.84 -3.75 19.04
N ILE C 172 41.53 -2.61 19.66
CA ILE C 172 42.56 -1.72 20.16
C ILE C 172 43.33 -2.35 21.31
N MET C 173 42.61 -2.96 22.26
CA MET C 173 43.26 -3.68 23.35
C MET C 173 44.18 -4.76 22.80
N ILE C 185 45.34 4.92 20.55
CA ILE C 185 44.45 4.14 21.41
C ILE C 185 43.09 4.82 21.48
N LEU C 186 42.21 4.30 22.34
CA LEU C 186 40.88 4.84 22.55
C LEU C 186 40.83 5.47 23.94
N ALA C 187 40.58 6.78 23.97
CA ALA C 187 40.53 7.51 25.23
C ALA C 187 39.75 8.80 25.01
N MET C 188 39.40 9.45 26.12
CA MET C 188 38.67 10.71 26.03
C MET C 188 39.50 11.73 25.24
N GLY C 189 38.84 12.41 24.31
CA GLY C 189 39.48 13.41 23.49
C GLY C 189 40.15 12.89 22.24
N THR C 190 40.29 11.57 22.11
CA THR C 190 40.91 11.01 20.91
C THR C 190 40.04 11.27 19.69
N ASP C 191 40.68 11.62 18.58
CA ASP C 191 39.97 11.83 17.32
C ASP C 191 39.40 10.49 16.85
N VAL C 192 38.08 10.42 16.72
CA VAL C 192 37.43 9.17 16.35
C VAL C 192 37.86 8.73 14.95
N ARG C 193 38.10 9.66 14.05
CA ARG C 193 38.50 9.31 12.68
C ARG C 193 39.80 8.52 12.66
N SER C 194 40.62 8.60 13.70
CA SER C 194 41.86 7.85 13.75
C SER C 194 41.64 6.40 14.13
N LEU C 195 40.43 6.01 14.52
CA LEU C 195 40.13 4.63 14.87
C LEU C 195 39.64 3.81 13.67
N PHE C 196 39.41 4.44 12.53
CA PHE C 196 38.89 3.77 11.34
C PHE C 196 39.74 4.17 10.13
N THR C 197 39.60 3.40 9.06
CA THR C 197 40.33 3.68 7.84
C THR C 197 39.95 5.05 7.28
N SER C 198 40.73 5.49 6.28
CA SER C 198 40.51 6.82 5.71
C SER C 198 39.14 6.92 5.06
N SER C 199 38.74 5.89 4.30
CA SER C 199 37.41 5.91 3.70
C SER C 199 36.33 5.92 4.77
N SER C 200 36.53 5.17 5.85
CA SER C 200 35.60 5.20 6.97
C SER C 200 35.49 6.59 7.57
N SER C 201 36.63 7.28 7.72
CA SER C 201 36.61 8.64 8.25
C SER C 201 35.86 9.58 7.31
N ILE C 202 36.05 9.42 5.99
CA ILE C 202 35.34 10.27 5.03
C ILE C 202 33.84 10.04 5.15
N LEU C 203 33.43 8.78 5.25
CA LEU C 203 32.00 8.47 5.39
C LEU C 203 31.45 9.06 6.69
N LEU C 204 32.22 8.94 7.78
CA LEU C 204 31.77 9.49 9.06
C LEU C 204 31.62 11.01 8.98
N GLU C 205 32.57 11.69 8.34
CA GLU C 205 32.46 13.14 8.19
C GLU C 205 31.23 13.50 7.36
N ARG C 206 31.02 12.80 6.25
CA ARG C 206 29.85 13.08 5.42
C ARG C 206 28.56 12.88 6.20
N ALA C 207 28.49 11.84 7.03
CA ALA C 207 27.31 11.65 7.86
C ALA C 207 27.17 12.77 8.89
N PHE C 208 28.29 13.22 9.46
CA PHE C 208 28.24 14.28 10.47
C PHE C 208 27.69 15.57 9.89
N VAL C 209 28.16 15.97 8.70
CA VAL C 209 27.70 17.24 8.12
C VAL C 209 26.31 17.15 7.52
N ALA C 210 25.73 15.96 7.42
CA ALA C 210 24.38 15.83 6.87
C ALA C 210 23.36 16.46 7.80
N ARG C 211 22.39 17.18 7.21
CA ARG C 211 21.34 17.78 8.02
C ARG C 211 20.46 16.70 8.65
N GLU C 212 19.99 15.75 7.84
CA GLU C 212 19.23 14.61 8.32
C GLU C 212 20.17 13.41 8.35
N ILE C 213 20.80 13.18 9.50
CA ILE C 213 21.77 12.11 9.64
C ILE C 213 21.13 10.75 9.41
N THR C 214 19.85 10.59 9.80
CA THR C 214 19.17 9.32 9.65
C THR C 214 19.09 8.84 8.20
N LEU C 215 19.28 9.75 7.24
CA LEU C 215 19.29 9.33 5.84
C LEU C 215 20.43 8.38 5.52
N LEU C 216 21.53 8.40 6.29
CA LEU C 216 22.57 7.37 6.19
C LEU C 216 22.87 6.89 7.61
N ASN C 217 22.04 5.97 8.10
CA ASN C 217 22.26 5.38 9.41
C ASN C 217 23.34 4.30 9.32
N PRO C 218 23.13 3.23 8.54
CA PRO C 218 24.11 2.14 8.52
C PRO C 218 25.34 2.44 7.70
N VAL C 219 26.33 3.12 8.30
CA VAL C 219 27.59 3.39 7.63
C VAL C 219 28.46 2.14 7.75
N TRP C 220 28.92 1.62 6.62
CA TRP C 220 29.81 0.46 6.61
C TRP C 220 31.24 0.97 6.73
N ILE C 221 31.84 0.81 7.91
CA ILE C 221 33.19 1.32 8.17
C ILE C 221 34.08 0.14 8.55
N HIS C 222 35.38 0.42 8.65
CA HIS C 222 36.37 -0.59 8.97
C HIS C 222 37.27 -0.10 10.09
N SER C 223 37.59 -0.99 11.03
CA SER C 223 38.54 -0.66 12.09
C SER C 223 39.94 -0.53 11.51
N LYS C 224 40.65 0.52 11.92
CA LYS C 224 41.99 0.76 11.39
C LYS C 224 42.95 -0.35 11.81
N ASN C 225 42.74 -0.94 12.99
CA ASN C 225 43.68 -1.93 13.51
C ASN C 225 43.46 -3.30 12.87
N THR C 226 42.28 -3.88 13.09
CA THR C 226 41.98 -5.22 12.61
C THR C 226 41.38 -5.26 11.22
N GLY C 227 40.80 -4.16 10.75
CA GLY C 227 40.18 -4.14 9.45
C GLY C 227 38.81 -4.77 9.38
N LYS C 228 38.28 -5.24 10.51
CA LYS C 228 36.98 -5.88 10.52
C LYS C 228 35.89 -4.85 10.21
N PRO C 229 34.86 -5.21 9.46
CA PRO C 229 33.79 -4.26 9.16
C PRO C 229 32.82 -4.08 10.31
N PHE C 230 32.29 -2.87 10.41
CA PHE C 230 31.27 -2.53 11.39
C PHE C 230 30.18 -1.74 10.69
N TYR C 231 28.95 -1.88 11.21
CA TYR C 231 27.84 -1.00 10.83
C TYR C 231 27.71 0.05 11.93
N ALA C 232 27.95 1.30 11.57
CA ALA C 232 27.86 2.42 12.49
C ALA C 232 26.52 3.09 12.27
N ILE C 233 25.66 3.07 13.29
CA ILE C 233 24.40 3.80 13.29
C ILE C 233 24.65 5.11 14.03
N LEU C 234 24.49 6.23 13.33
CA LEU C 234 24.77 7.54 13.88
C LEU C 234 23.47 8.25 14.23
N HIS C 235 23.42 8.85 15.42
CA HIS C 235 22.30 9.69 15.78
C HIS C 235 22.81 10.86 16.61
N ARG C 236 21.97 11.88 16.74
CA ARG C 236 22.37 13.12 17.40
C ARG C 236 21.81 13.18 18.81
N ILE C 237 22.63 13.68 19.72
CA ILE C 237 22.24 13.94 21.10
C ILE C 237 22.51 15.41 21.40
N ASP C 238 22.21 15.82 22.63
CA ASP C 238 22.36 17.23 22.99
C ASP C 238 23.81 17.68 22.91
N VAL C 239 24.76 16.79 23.15
CA VAL C 239 26.17 17.16 23.20
C VAL C 239 26.81 17.01 21.82
N GLY C 240 26.84 15.78 21.31
CA GLY C 240 27.48 15.51 20.03
C GLY C 240 26.74 14.48 19.21
N VAL C 241 27.48 13.49 18.69
CA VAL C 241 26.92 12.44 17.87
C VAL C 241 27.29 11.09 18.48
N VAL C 242 26.30 10.22 18.61
CA VAL C 242 26.48 8.88 19.15
C VAL C 242 26.55 7.90 17.99
N ILE C 243 27.54 7.01 18.04
CA ILE C 243 27.82 6.03 16.99
C ILE C 243 27.68 4.66 17.63
N ASP C 244 26.72 3.88 17.16
CA ASP C 244 26.51 2.50 17.60
C ASP C 244 27.18 1.59 16.58
N LEU C 245 28.30 1.00 16.96
CA LEU C 245 29.10 0.14 16.08
C LEU C 245 28.72 -1.31 16.35
N GLU C 246 28.01 -1.93 15.40
CA GLU C 246 27.69 -3.33 15.50
C GLU C 246 28.56 -4.11 14.52
N PRO C 247 29.33 -5.10 14.98
CA PRO C 247 30.18 -5.85 14.04
C PRO C 247 29.36 -6.48 12.93
N ALA C 248 29.91 -6.43 11.71
CA ALA C 248 29.27 -7.03 10.55
C ALA C 248 29.79 -8.45 10.37
N ARG C 249 28.88 -9.43 10.42
CA ARG C 249 29.28 -10.82 10.27
C ARG C 249 29.85 -11.10 8.89
N THR C 250 29.30 -10.46 7.86
CA THR C 250 29.75 -10.66 6.48
C THR C 250 30.91 -9.71 6.21
N GLU C 251 32.10 -10.26 5.97
CA GLU C 251 33.27 -9.45 5.71
C GLU C 251 33.55 -9.26 4.23
N ASP C 252 33.08 -10.17 3.38
CA ASP C 252 33.34 -10.05 1.95
C ASP C 252 32.60 -8.84 1.38
N PRO C 253 33.28 -7.90 0.74
CA PRO C 253 32.57 -6.72 0.22
C PRO C 253 31.44 -7.06 -0.74
N ALA C 254 31.64 -8.04 -1.62
CA ALA C 254 30.59 -8.41 -2.56
C ALA C 254 29.36 -8.92 -1.83
N LEU C 255 29.55 -9.78 -0.82
CA LEU C 255 28.42 -10.26 -0.04
C LEU C 255 27.78 -9.14 0.76
N SER C 256 28.57 -8.17 1.23
CA SER C 256 27.99 -7.03 1.93
C SER C 256 27.07 -6.23 1.02
N ILE C 257 27.52 -5.95 -0.20
CA ILE C 257 26.69 -5.20 -1.15
C ILE C 257 25.45 -6.03 -1.51
N ALA C 258 25.63 -7.33 -1.71
CA ALA C 258 24.51 -8.19 -2.02
C ALA C 258 23.47 -8.17 -0.91
N GLY C 259 23.91 -8.24 0.34
CA GLY C 259 22.96 -8.17 1.45
C GLY C 259 22.29 -6.82 1.57
N ALA C 260 23.02 -5.75 1.30
CA ALA C 260 22.42 -4.41 1.31
C ALA C 260 21.29 -4.33 0.29
N VAL C 261 21.49 -4.91 -0.89
CA VAL C 261 20.43 -4.90 -1.89
C VAL C 261 19.32 -5.90 -1.52
N GLN C 262 19.69 -7.00 -0.85
CA GLN C 262 18.70 -7.99 -0.46
C GLN C 262 17.75 -7.48 0.59
N SER C 263 18.19 -6.55 1.44
CA SER C 263 17.24 -5.92 2.34
C SER C 263 16.08 -5.31 1.57
N GLN C 264 16.38 -4.52 0.53
CA GLN C 264 15.36 -3.93 -0.32
C GLN C 264 14.54 -4.99 -1.03
N LYS C 265 15.21 -6.02 -1.57
CA LYS C 265 14.49 -7.05 -2.31
C LYS C 265 13.49 -7.78 -1.43
N LEU C 266 13.92 -8.17 -0.23
CA LEU C 266 13.05 -8.89 0.70
C LEU C 266 11.91 -8.01 1.17
N ALA C 267 12.19 -6.73 1.46
CA ALA C 267 11.12 -5.81 1.81
C ALA C 267 10.09 -5.73 0.69
N VAL C 268 10.56 -5.62 -0.55
CA VAL C 268 9.63 -5.50 -1.67
C VAL C 268 8.78 -6.75 -1.80
N ARG C 269 9.40 -7.93 -1.67
CA ARG C 269 8.62 -9.17 -1.81
C ARG C 269 7.59 -9.32 -0.69
N ALA C 270 7.97 -9.00 0.55
CA ALA C 270 7.03 -9.10 1.66
C ALA C 270 5.88 -8.12 1.48
N ILE C 271 6.17 -6.89 1.06
CA ILE C 271 5.12 -5.91 0.85
C ILE C 271 4.21 -6.32 -0.31
N SER C 272 4.79 -6.96 -1.33
CA SER C 272 3.97 -7.51 -2.41
C SER C 272 3.03 -8.59 -1.89
N GLN C 273 3.51 -9.43 -0.97
CA GLN C 273 2.63 -10.38 -0.33
C GLN C 273 1.50 -9.67 0.41
N LEU C 274 1.82 -8.56 1.08
CA LEU C 274 0.79 -7.79 1.77
C LEU C 274 -0.24 -7.24 0.78
N GLN C 275 0.21 -6.77 -0.38
CA GLN C 275 -0.69 -6.13 -1.33
C GLN C 275 -1.80 -7.08 -1.76
N ALA C 276 -1.50 -8.36 -1.90
CA ALA C 276 -2.46 -9.32 -2.46
C ALA C 276 -3.67 -9.54 -1.55
N LEU C 277 -3.63 -9.07 -0.32
CA LEU C 277 -4.77 -9.26 0.57
C LEU C 277 -5.99 -8.52 0.04
N PRO C 278 -7.19 -9.06 0.27
CA PRO C 278 -8.40 -8.38 -0.24
C PRO C 278 -8.53 -6.93 0.20
N GLY C 279 -8.17 -6.62 1.45
CA GLY C 279 -8.20 -5.26 1.93
C GLY C 279 -9.35 -4.93 2.86
N GLY C 280 -9.99 -5.93 3.46
CA GLY C 280 -11.09 -5.68 4.36
C GLY C 280 -11.09 -6.56 5.60
N ASP C 281 -9.90 -6.97 6.05
CA ASP C 281 -9.78 -7.87 7.20
C ASP C 281 -8.48 -7.54 7.92
N ILE C 282 -8.60 -6.98 9.12
CA ILE C 282 -7.41 -6.65 9.91
C ILE C 282 -6.75 -7.91 10.44
N LYS C 283 -7.55 -8.91 10.84
CA LYS C 283 -6.98 -10.15 11.36
C LYS C 283 -6.13 -10.85 10.31
N LEU C 284 -6.61 -10.89 9.07
CA LEU C 284 -5.82 -11.49 7.99
C LEU C 284 -4.52 -10.73 7.78
N LEU C 285 -4.58 -9.40 7.83
CA LEU C 285 -3.37 -8.60 7.68
C LEU C 285 -2.36 -8.91 8.78
N CYS C 286 -2.84 -8.99 10.02
CA CYS C 286 -1.96 -9.29 11.14
C CYS C 286 -1.33 -10.68 11.00
N ASP C 287 -2.14 -11.67 10.62
CA ASP C 287 -1.61 -13.01 10.44
C ASP C 287 -0.57 -13.05 9.33
N THR C 288 -0.84 -12.37 8.21
CA THR C 288 0.13 -12.34 7.11
C THR C 288 1.43 -11.69 7.56
N VAL C 289 1.34 -10.58 8.29
CA VAL C 289 2.55 -9.91 8.77
C VAL C 289 3.32 -10.81 9.71
N VAL C 290 2.61 -11.51 10.60
CA VAL C 290 3.27 -12.40 11.55
C VAL C 290 4.03 -13.50 10.80
N GLU C 291 3.39 -14.10 9.80
CA GLU C 291 4.05 -15.16 9.05
C GLU C 291 5.27 -14.62 8.29
N SER C 292 5.12 -13.45 7.67
CA SER C 292 6.24 -12.88 6.93
C SER C 292 7.42 -12.56 7.85
N VAL C 293 7.13 -12.00 9.03
CA VAL C 293 8.20 -11.63 9.96
C VAL C 293 8.88 -12.87 10.51
N ARG C 294 8.10 -13.92 10.81
CA ARG C 294 8.72 -15.16 11.29
C ARG C 294 9.59 -15.78 10.21
N ASP C 295 9.13 -15.73 8.95
CA ASP C 295 9.96 -16.25 7.86
C ASP C 295 11.25 -15.45 7.72
N LEU C 296 11.16 -14.12 7.79
CA LEU C 296 12.35 -13.29 7.62
C LEU C 296 13.35 -13.49 8.75
N THR C 297 12.89 -13.40 9.99
CA THR C 297 13.78 -13.43 11.15
C THR C 297 14.02 -14.84 11.67
N GLY C 298 13.01 -15.71 11.62
CA GLY C 298 13.17 -17.06 12.12
C GLY C 298 13.11 -17.20 13.62
N TYR C 299 12.57 -16.20 14.32
CA TYR C 299 12.45 -16.28 15.76
C TYR C 299 11.46 -17.38 16.15
N ASP C 300 11.62 -17.88 17.39
CA ASP C 300 10.74 -18.95 17.86
C ASP C 300 9.29 -18.49 17.93
N ARG C 301 9.05 -17.27 18.40
CA ARG C 301 7.72 -16.72 18.53
C ARG C 301 7.67 -15.38 17.81
N VAL C 302 6.57 -15.11 17.11
CA VAL C 302 6.29 -13.80 16.55
C VAL C 302 4.83 -13.48 16.81
N MET C 303 4.57 -12.33 17.43
CA MET C 303 3.21 -11.99 17.80
C MET C 303 2.96 -10.50 17.56
N VAL C 304 1.70 -10.16 17.35
CA VAL C 304 1.25 -8.79 17.19
C VAL C 304 0.50 -8.39 18.45
N TYR C 305 0.90 -7.28 19.04
CA TYR C 305 0.24 -6.69 20.19
C TYR C 305 -0.53 -5.46 19.76
N LYS C 306 -1.82 -5.42 20.11
CA LYS C 306 -2.69 -4.28 19.83
C LYS C 306 -2.95 -3.56 21.15
N PHE C 307 -2.71 -2.24 21.15
CA PHE C 307 -2.92 -1.43 22.36
C PHE C 307 -4.33 -0.85 22.31
N HIS C 308 -5.16 -1.22 23.28
CA HIS C 308 -6.53 -0.76 23.33
C HIS C 308 -6.60 0.68 23.83
N GLU C 309 -7.81 1.24 23.78
CA GLU C 309 -8.00 2.61 24.28
C GLU C 309 -7.61 2.71 25.75
N ASP C 310 -7.75 1.63 26.51
CA ASP C 310 -7.33 1.57 27.90
C ASP C 310 -5.81 1.65 28.03
N GLU C 311 -5.09 1.44 26.92
CA GLU C 311 -3.63 1.32 26.81
C GLU C 311 -3.15 -0.08 27.16
N HIS C 312 -4.02 -1.00 27.56
CA HIS C 312 -3.60 -2.37 27.76
C HIS C 312 -3.48 -3.07 26.41
N GLY C 313 -2.70 -4.14 26.39
CA GLY C 313 -2.35 -4.84 25.16
C GLY C 313 -3.07 -6.17 25.03
N GLU C 314 -3.31 -6.56 23.79
CA GLU C 314 -3.87 -7.87 23.47
C GLU C 314 -3.01 -8.52 22.40
N VAL C 315 -2.81 -9.84 22.51
CA VAL C 315 -2.07 -10.58 21.50
C VAL C 315 -3.06 -10.96 20.41
N VAL C 316 -3.08 -10.18 19.32
CA VAL C 316 -4.08 -10.35 18.27
C VAL C 316 -3.65 -11.35 17.20
N ALA C 317 -2.37 -11.69 17.12
CA ALA C 317 -1.89 -12.68 16.16
C ALA C 317 -0.63 -13.32 16.72
N GLU C 318 -0.29 -14.49 16.19
CA GLU C 318 0.87 -15.21 16.69
C GLU C 318 1.25 -16.31 15.71
N SER C 319 2.55 -16.51 15.54
CA SER C 319 3.11 -17.67 14.86
C SER C 319 4.33 -18.12 15.65
N LYS C 320 4.26 -19.33 16.20
CA LYS C 320 5.24 -19.80 17.16
C LYS C 320 5.77 -21.17 16.76
N ARG C 321 6.78 -21.62 17.51
CA ARG C 321 7.25 -22.99 17.38
C ARG C 321 6.21 -23.93 17.96
N ASP C 322 6.10 -25.13 17.37
CA ASP C 322 5.00 -26.02 17.72
C ASP C 322 5.02 -26.42 19.18
N ASP C 323 6.19 -26.40 19.82
CA ASP C 323 6.34 -26.89 21.18
C ASP C 323 6.28 -25.79 22.24
N LEU C 324 5.88 -24.58 21.87
CA LEU C 324 5.83 -23.46 22.79
C LEU C 324 4.39 -23.14 23.17
N GLU C 325 4.22 -22.59 24.36
CA GLU C 325 2.89 -22.22 24.85
C GLU C 325 2.33 -21.10 23.98
N PRO C 326 1.08 -21.22 23.51
CA PRO C 326 0.49 -20.12 22.72
C PRO C 326 0.08 -18.96 23.61
N TYR C 327 0.23 -17.76 23.08
CA TYR C 327 -0.18 -16.54 23.76
C TYR C 327 -1.22 -15.75 23.00
N ILE C 328 -1.76 -16.28 21.90
CA ILE C 328 -2.78 -15.58 21.16
C ILE C 328 -4.04 -15.46 22.01
N GLY C 329 -4.70 -14.31 21.92
CA GLY C 329 -5.89 -14.04 22.71
C GLY C 329 -5.60 -13.56 24.11
N LEU C 330 -4.33 -13.42 24.49
CA LEU C 330 -3.98 -12.98 25.83
C LEU C 330 -4.12 -11.47 25.95
N HIS C 331 -4.46 -11.00 27.15
CA HIS C 331 -4.49 -9.59 27.48
C HIS C 331 -3.58 -9.35 28.68
N TYR C 332 -2.89 -8.23 28.70
CA TYR C 332 -2.01 -7.88 29.81
C TYR C 332 -2.22 -6.42 30.17
N PRO C 333 -1.91 -6.03 31.41
CA PRO C 333 -2.20 -4.65 31.84
C PRO C 333 -1.39 -3.64 31.05
N ALA C 334 -1.90 -2.41 31.00
CA ALA C 334 -1.20 -1.33 30.32
C ALA C 334 0.11 -0.99 31.01
N THR C 335 0.26 -1.31 32.29
CA THR C 335 1.48 -0.99 33.03
C THR C 335 2.64 -1.90 32.66
N ASP C 336 2.40 -2.99 31.92
CA ASP C 336 3.49 -3.86 31.53
C ASP C 336 4.43 -3.17 30.54
N ILE C 337 3.93 -2.23 29.76
CA ILE C 337 4.76 -1.44 28.86
C ILE C 337 4.72 0.01 29.33
N PRO C 338 5.74 0.48 30.05
CA PRO C 338 5.69 1.85 30.56
C PRO C 338 5.56 2.86 29.42
N GLN C 339 4.90 3.98 29.73
CA GLN C 339 4.66 5.00 28.71
C GLN C 339 5.97 5.50 28.12
N ALA C 340 7.05 5.51 28.90
CA ALA C 340 8.35 5.89 28.34
C ALA C 340 8.78 4.89 27.27
N SER C 341 8.57 3.60 27.51
CA SER C 341 8.91 2.60 26.50
C SER C 341 8.06 2.77 25.25
N ARG C 342 6.77 3.11 25.41
CA ARG C 342 5.93 3.36 24.24
C ARG C 342 6.44 4.57 23.46
N PHE C 343 6.84 5.63 24.16
CA PHE C 343 7.39 6.79 23.48
C PHE C 343 8.65 6.43 22.71
N LEU C 344 9.52 5.62 23.33
CA LEU C 344 10.73 5.19 22.65
C LEU C 344 10.42 4.35 21.42
N PHE C 345 9.46 3.44 21.53
CA PHE C 345 9.03 2.67 20.35
C PHE C 345 8.50 3.58 19.25
N LYS C 346 7.81 4.66 19.63
CA LYS C 346 7.44 5.65 18.64
C LYS C 346 8.66 6.30 18.00
N GLN C 347 9.69 6.60 18.79
CA GLN C 347 10.90 7.25 18.27
C GLN C 347 11.79 6.22 17.57
N ASN C 348 12.28 5.23 18.31
CA ASN C 348 13.12 4.17 17.75
C ASN C 348 12.21 3.00 17.41
N ARG C 349 11.88 2.89 16.13
CA ARG C 349 10.82 1.95 15.73
C ARG C 349 11.18 0.51 16.02
N VAL C 350 12.47 0.17 16.00
CA VAL C 350 12.93 -1.21 16.18
C VAL C 350 13.78 -1.28 17.44
N ARG C 351 13.41 -2.18 18.34
CA ARG C 351 14.15 -2.44 19.57
C ARG C 351 14.62 -3.89 19.53
N MET C 352 15.94 -4.08 19.60
CA MET C 352 16.54 -5.40 19.50
C MET C 352 17.31 -5.71 20.78
N ILE C 353 17.01 -6.85 21.39
CA ILE C 353 17.71 -7.34 22.57
C ILE C 353 18.28 -8.70 22.19
N VAL C 354 19.62 -8.79 22.13
CA VAL C 354 20.25 -10.03 21.71
C VAL C 354 20.15 -11.10 22.79
N ASP C 355 20.46 -10.75 24.04
CA ASP C 355 20.49 -11.72 25.12
C ASP C 355 20.15 -10.97 26.41
N CYS C 356 19.01 -11.33 27.01
CA CYS C 356 18.57 -10.68 28.23
C CYS C 356 19.52 -10.95 29.40
N ASN C 357 20.14 -12.12 29.42
CA ASN C 357 21.01 -12.51 30.53
C ASN C 357 22.46 -12.07 30.35
N ALA C 358 22.79 -11.43 29.24
CA ALA C 358 24.15 -10.95 29.01
C ALA C 358 24.45 -9.78 29.93
N THR C 359 25.68 -9.72 30.41
CA THR C 359 26.07 -8.65 31.32
C THR C 359 26.15 -7.34 30.56
N PRO C 360 25.42 -6.31 30.96
CA PRO C 360 25.48 -5.03 30.24
C PRO C 360 26.81 -4.35 30.40
N VAL C 361 27.12 -3.46 29.46
CA VAL C 361 28.40 -2.76 29.39
C VAL C 361 28.20 -1.31 29.76
N LEU C 362 28.97 -0.84 30.74
CA LEU C 362 28.88 0.55 31.18
C LEU C 362 29.37 1.47 30.08
N VAL C 363 28.79 2.67 30.01
CA VAL C 363 29.19 3.69 29.05
C VAL C 363 29.87 4.82 29.82
N VAL C 364 31.19 4.88 29.76
CA VAL C 364 31.96 5.89 30.47
C VAL C 364 31.99 7.15 29.62
N GLN C 365 31.56 8.27 30.21
CA GLN C 365 31.48 9.54 29.53
C GLN C 365 32.44 10.55 30.18
N ASP C 366 32.74 11.60 29.43
CA ASP C 366 33.67 12.61 29.91
C ASP C 366 33.16 13.25 31.19
N ASP C 367 34.07 13.45 32.15
CA ASP C 367 33.70 14.09 33.41
C ASP C 367 33.27 15.54 33.22
N ARG C 368 33.65 16.17 32.11
CA ARG C 368 33.31 17.57 31.88
C ARG C 368 31.88 17.76 31.38
N LEU C 369 31.17 16.67 31.07
CA LEU C 369 29.78 16.78 30.63
C LEU C 369 28.88 17.09 31.83
N THR C 370 27.98 18.06 31.65
CA THR C 370 27.13 18.49 32.75
C THR C 370 26.13 17.41 33.14
N GLN C 371 25.44 16.84 32.16
CA GLN C 371 24.39 15.85 32.40
C GLN C 371 24.80 14.49 31.85
N SER C 372 24.10 13.47 32.32
CA SER C 372 24.33 12.12 31.83
C SER C 372 24.02 12.05 30.34
N MET C 373 24.82 11.26 29.61
CA MET C 373 24.64 11.17 28.17
C MET C 373 23.25 10.67 27.82
N CYS C 374 22.62 11.31 26.84
CA CYS C 374 21.26 10.97 26.43
C CYS C 374 21.30 9.67 25.65
N LEU C 375 21.51 8.57 26.37
CA LEU C 375 21.53 7.24 25.78
C LEU C 375 20.10 6.70 25.67
N VAL C 376 19.33 7.34 24.81
CA VAL C 376 17.91 7.09 24.66
C VAL C 376 17.59 6.46 23.30
N GLY C 377 17.97 7.14 22.22
CA GLY C 377 17.76 6.63 20.89
C GLY C 377 18.78 5.62 20.43
N SER C 378 19.75 5.28 21.28
CA SER C 378 20.76 4.31 20.91
C SER C 378 20.13 2.92 20.74
N THR C 379 20.55 2.22 19.70
CA THR C 379 20.05 0.89 19.40
C THR C 379 20.66 -0.19 20.29
N LEU C 380 21.75 0.13 21.00
CA LEU C 380 22.40 -0.82 21.88
C LEU C 380 21.96 -0.67 23.34
N ARG C 381 21.00 0.21 23.63
CA ARG C 381 20.58 0.45 24.99
C ARG C 381 20.15 -0.85 25.66
N ALA C 382 20.69 -1.09 26.86
CA ALA C 382 20.41 -2.32 27.56
C ALA C 382 19.00 -2.29 28.17
N PRO C 383 18.29 -3.42 28.16
CA PRO C 383 16.99 -3.46 28.80
C PRO C 383 17.10 -3.31 30.32
N HIS C 384 16.07 -2.72 30.91
CA HIS C 384 16.05 -2.52 32.35
C HIS C 384 15.94 -3.86 33.07
N GLY C 385 16.32 -3.87 34.35
CA GLY C 385 16.27 -5.11 35.10
C GLY C 385 14.88 -5.71 35.17
N CYS C 386 13.85 -4.87 35.26
CA CYS C 386 12.49 -5.39 35.32
C CYS C 386 12.15 -6.20 34.07
N HIS C 387 12.40 -5.63 32.90
CA HIS C 387 12.06 -6.34 31.66
C HIS C 387 13.01 -7.52 31.42
N SER C 388 14.27 -7.38 31.82
CA SER C 388 15.19 -8.50 31.68
C SER C 388 14.72 -9.70 32.50
N GLN C 389 14.31 -9.45 33.74
CA GLN C 389 13.79 -10.53 34.58
C GLN C 389 12.47 -11.06 34.05
N TYR C 390 11.63 -10.18 33.51
CA TYR C 390 10.37 -10.63 32.92
C TYR C 390 10.63 -11.58 31.75
N MET C 391 11.58 -11.23 30.88
CA MET C 391 11.91 -12.08 29.75
C MET C 391 12.52 -13.39 30.21
N ALA C 392 13.39 -13.34 31.23
CA ALA C 392 13.97 -14.56 31.76
C ALA C 392 12.90 -15.49 32.31
N ASN C 393 11.95 -14.94 33.07
CA ASN C 393 10.86 -15.76 33.60
C ASN C 393 10.00 -16.33 32.49
N MET C 394 9.69 -15.52 31.47
CA MET C 394 8.87 -15.98 30.36
C MET C 394 9.53 -17.14 29.62
N GLY C 395 10.85 -17.25 29.69
CA GLY C 395 11.59 -18.20 28.90
C GLY C 395 12.13 -17.66 27.60
N SER C 396 12.07 -16.35 27.38
CA SER C 396 12.54 -15.71 26.17
C SER C 396 13.85 -14.99 26.44
N ILE C 397 14.85 -15.23 25.61
CA ILE C 397 16.17 -14.67 25.79
C ILE C 397 16.41 -13.50 24.82
N ALA C 398 16.00 -13.63 23.57
CA ALA C 398 16.17 -12.60 22.56
C ALA C 398 14.82 -12.00 22.21
N SER C 399 14.83 -10.73 21.79
CA SER C 399 13.62 -10.01 21.46
C SER C 399 13.88 -9.05 20.31
N LEU C 400 12.86 -8.89 19.45
CA LEU C 400 12.91 -7.94 18.34
C LEU C 400 11.52 -7.32 18.21
N ALA C 401 11.33 -6.19 18.87
CA ALA C 401 10.06 -5.48 18.87
C ALA C 401 10.07 -4.41 17.77
N MET C 402 8.96 -4.29 17.05
CA MET C 402 8.84 -3.31 15.98
C MET C 402 7.51 -2.58 16.14
N ALA C 403 7.59 -1.26 16.13
CA ALA C 403 6.39 -0.45 16.37
C ALA C 403 5.50 -0.42 15.14
N VAL C 404 4.19 -0.51 15.38
CA VAL C 404 3.18 -0.32 14.35
C VAL C 404 2.64 1.10 14.52
N ILE C 405 2.84 1.94 13.51
CA ILE C 405 2.52 3.36 13.58
C ILE C 405 1.42 3.66 12.58
N ILE C 406 0.38 4.34 13.04
CA ILE C 406 -0.74 4.77 12.20
C ILE C 406 -0.98 6.26 12.43
N ASN C 407 -2.01 6.79 11.78
CA ASN C 407 -2.37 8.19 11.94
C ASN C 407 -3.23 8.38 13.18
N GLY C 408 -2.85 9.35 14.01
CA GLY C 408 -3.59 9.64 15.22
C GLY C 408 -4.22 11.02 15.22
N SER C 422 0.89 14.15 13.94
CA SER C 422 0.82 13.30 15.13
C SER C 422 0.52 11.86 14.76
N MET C 423 1.46 10.97 15.08
CA MET C 423 1.31 9.55 14.80
C MET C 423 0.95 8.80 16.08
N ARG C 424 0.30 7.65 15.91
CA ARG C 424 -0.20 6.85 17.01
C ARG C 424 0.42 5.46 16.96
N LEU C 425 0.80 4.95 18.13
CA LEU C 425 1.38 3.62 18.26
C LEU C 425 0.24 2.62 18.43
N TRP C 426 -0.19 2.03 17.31
CA TRP C 426 -1.28 1.06 17.37
C TRP C 426 -0.89 -0.18 18.15
N GLY C 427 0.39 -0.51 18.12
CA GLY C 427 0.83 -1.72 18.80
C GLY C 427 2.28 -2.03 18.47
N LEU C 428 2.57 -3.33 18.49
CA LEU C 428 3.93 -3.82 18.24
C LEU C 428 3.85 -5.14 17.48
N VAL C 429 4.96 -5.49 16.83
CA VAL C 429 5.18 -6.82 16.30
C VAL C 429 6.47 -7.33 16.92
N VAL C 430 6.35 -8.19 17.93
CA VAL C 430 7.47 -8.59 18.76
C VAL C 430 7.83 -10.03 18.45
N CYS C 431 9.13 -10.26 18.25
CA CYS C 431 9.67 -11.60 18.03
C CYS C 431 10.50 -12.00 19.23
N HIS C 432 10.23 -13.19 19.76
CA HIS C 432 10.92 -13.74 20.91
C HIS C 432 11.66 -15.01 20.51
N HIS C 433 12.80 -15.23 21.15
CA HIS C 433 13.60 -16.44 20.91
C HIS C 433 14.01 -17.02 22.25
N THR C 434 14.02 -18.35 22.32
CA THR C 434 14.40 -19.06 23.54
C THR C 434 15.90 -19.03 23.79
N SER C 435 16.69 -18.54 22.85
CA SER C 435 18.14 -18.46 23.00
C SER C 435 18.63 -17.17 22.37
N SER C 436 19.86 -16.79 22.70
CA SER C 436 20.43 -15.55 22.20
C SER C 436 20.37 -15.53 20.67
N ARG C 437 19.95 -14.39 20.12
CA ARG C 437 19.78 -14.26 18.69
C ARG C 437 20.07 -12.82 18.27
N CYS C 438 20.80 -12.67 17.17
CA CYS C 438 21.10 -11.36 16.59
C CYS C 438 21.15 -11.55 15.09
N ILE C 439 20.05 -11.24 14.40
CA ILE C 439 19.97 -11.45 12.96
C ILE C 439 20.77 -10.36 12.25
N PRO C 440 21.28 -10.63 11.05
CA PRO C 440 22.09 -9.62 10.35
C PRO C 440 21.26 -8.44 9.87
N PHE C 441 21.97 -7.35 9.57
CA PHE C 441 21.31 -6.09 9.23
C PHE C 441 20.34 -6.19 8.07
N PRO C 442 20.65 -6.88 6.96
CA PRO C 442 19.69 -6.93 5.85
C PRO C 442 18.32 -7.42 6.25
N LEU C 443 18.24 -8.45 7.10
CA LEU C 443 16.96 -8.96 7.55
C LEU C 443 16.25 -7.99 8.48
N ARG C 444 17.00 -7.32 9.37
CA ARG C 444 16.39 -6.32 10.23
C ARG C 444 15.76 -5.18 9.42
N TYR C 445 16.47 -4.71 8.38
CA TYR C 445 15.93 -3.62 7.59
C TYR C 445 14.79 -4.07 6.68
N ALA C 446 14.85 -5.31 6.18
CA ALA C 446 13.70 -5.86 5.47
C ALA C 446 12.48 -5.87 6.37
N CYS C 447 12.65 -6.31 7.62
CA CYS C 447 11.54 -6.30 8.57
C CYS C 447 11.06 -4.88 8.84
N GLU C 448 11.98 -3.93 8.96
CA GLU C 448 11.58 -2.55 9.22
C GLU C 448 10.74 -1.98 8.09
N PHE C 449 11.15 -2.22 6.84
CA PHE C 449 10.37 -1.74 5.70
C PHE C 449 9.01 -2.43 5.64
N LEU C 450 8.98 -3.74 5.91
CA LEU C 450 7.71 -4.44 5.95
C LEU C 450 6.79 -3.86 7.03
N MET C 451 7.37 -3.48 8.17
CA MET C 451 6.57 -2.89 9.25
C MET C 451 6.01 -1.53 8.84
N GLN C 452 6.81 -0.74 8.12
CA GLN C 452 6.29 0.54 7.63
C GLN C 452 5.09 0.31 6.71
N ALA C 453 5.22 -0.63 5.76
CA ALA C 453 4.10 -0.93 4.87
C ALA C 453 2.90 -1.47 5.64
N PHE C 454 3.14 -2.30 6.65
CA PHE C 454 2.06 -2.84 7.47
C PHE C 454 1.32 -1.72 8.19
N GLY C 455 2.06 -0.77 8.78
CA GLY C 455 1.41 0.36 9.42
C GLY C 455 0.54 1.14 8.46
N LEU C 456 1.05 1.39 7.25
CA LEU C 456 0.26 2.10 6.24
C LEU C 456 -1.03 1.36 5.93
N GLN C 457 -0.94 0.07 5.60
CA GLN C 457 -2.14 -0.68 5.25
C GLN C 457 -3.08 -0.83 6.43
N LEU C 458 -2.54 -0.88 7.65
CA LEU C 458 -3.38 -1.00 8.83
C LEU C 458 -4.16 0.27 9.08
N ASN C 459 -3.53 1.43 8.87
CA ASN C 459 -4.29 2.68 8.90
C ASN C 459 -5.41 2.66 7.88
N MET C 460 -5.11 2.18 6.67
CA MET C 460 -6.15 2.01 5.66
C MET C 460 -7.32 1.19 6.18
N GLU C 461 -7.00 0.02 6.75
CA GLU C 461 -8.05 -0.89 7.21
C GLU C 461 -8.88 -0.26 8.31
N LEU C 462 -8.23 0.47 9.23
CA LEU C 462 -8.98 1.12 10.31
C LEU C 462 -9.94 2.16 9.76
N GLN C 463 -9.49 2.98 8.82
CA GLN C 463 -10.38 3.99 8.25
C GLN C 463 -11.56 3.34 7.53
N LEU C 464 -11.29 2.27 6.77
CA LEU C 464 -12.38 1.59 6.08
C LEU C 464 -13.37 0.98 7.07
N ALA C 465 -12.85 0.43 8.18
CA ALA C 465 -13.73 -0.11 9.21
C ALA C 465 -14.60 0.97 9.81
N LEU C 466 -14.04 2.15 10.05
CA LEU C 466 -14.87 3.25 10.54
C LEU C 466 -15.98 3.60 9.56
N GLN C 467 -15.65 3.70 8.27
CA GLN C 467 -16.66 4.03 7.28
C GLN C 467 -17.77 3.00 7.24
N MET C 468 -17.41 1.71 7.24
CA MET C 468 -18.44 0.67 7.19
C MET C 468 -19.26 0.63 8.47
N SER C 469 -18.65 0.91 9.62
CA SER C 469 -19.42 0.98 10.86
C SER C 469 -20.45 2.10 10.80
N GLU C 470 -20.05 3.27 10.28
CA GLU C 470 -21.00 4.36 10.13
C GLU C 470 -22.15 3.96 9.20
N LYS C 471 -21.82 3.29 8.09
CA LYS C 471 -22.86 2.86 7.15
C LYS C 471 -23.85 1.91 7.83
N ARG C 472 -23.33 0.92 8.56
CA ARG C 472 -24.19 -0.05 9.22
C ARG C 472 -25.07 0.63 10.27
N VAL C 473 -24.51 1.57 11.03
CA VAL C 473 -25.29 2.28 12.04
C VAL C 473 -26.40 3.08 11.38
N LEU C 474 -26.10 3.73 10.26
CA LEU C 474 -27.13 4.50 9.57
C LEU C 474 -28.26 3.59 9.07
N ARG C 475 -27.91 2.42 8.52
CA ARG C 475 -28.95 1.50 8.08
C ARG C 475 -29.80 1.02 9.25
N THR C 476 -29.17 0.72 10.38
CA THR C 476 -29.93 0.28 11.55
C THR C 476 -30.88 1.38 12.02
N GLN C 477 -30.41 2.63 12.04
CA GLN C 477 -31.28 3.74 12.43
C GLN C 477 -32.44 3.89 11.46
N THR C 478 -32.18 3.72 10.16
CA THR C 478 -33.27 3.82 9.19
C THR C 478 -34.31 2.74 9.43
N LEU C 479 -33.87 1.52 9.69
CA LEU C 479 -34.82 0.44 9.98
C LEU C 479 -35.62 0.74 11.25
N LEU C 480 -34.95 1.27 12.27
CA LEU C 480 -35.65 1.62 13.50
C LEU C 480 -36.68 2.73 13.25
N CYS C 481 -36.35 3.71 12.41
CA CYS C 481 -37.32 4.73 12.03
C CYS C 481 -38.52 4.10 11.33
N ASP C 482 -38.26 3.14 10.44
CA ASP C 482 -39.36 2.47 9.74
C ASP C 482 -40.26 1.75 10.74
N MET C 483 -39.67 1.06 11.71
CA MET C 483 -40.47 0.39 12.74
C MET C 483 -41.27 1.41 13.56
N LEU C 484 -40.65 2.54 13.90
CA LEU C 484 -41.37 3.57 14.65
C LEU C 484 -42.58 4.06 13.87
N LEU C 485 -42.42 4.30 12.57
CA LEU C 485 -43.54 4.72 11.74
C LEU C 485 -44.60 3.64 11.61
N ARG C 486 -44.19 2.37 11.52
CA ARG C 486 -45.13 1.28 11.28
C ARG C 486 -46.04 1.03 12.46
N ASP C 487 -45.51 1.12 13.69
CA ASP C 487 -46.28 0.77 14.88
C ASP C 487 -45.90 1.71 16.01
N SER C 488 -46.29 1.37 17.23
CA SER C 488 -45.95 2.16 18.39
C SER C 488 -44.45 2.06 18.68
N PRO C 489 -43.92 2.97 19.48
CA PRO C 489 -42.47 2.95 19.75
C PRO C 489 -41.96 1.62 20.25
N ALA C 490 -42.74 0.91 21.08
CA ALA C 490 -42.29 -0.37 21.61
C ALA C 490 -41.93 -1.35 20.50
N GLY C 491 -42.48 -1.15 19.30
CA GLY C 491 -42.16 -2.03 18.19
C GLY C 491 -40.69 -2.08 17.84
N ILE C 492 -39.90 -1.10 18.28
CA ILE C 492 -38.46 -1.13 18.02
C ILE C 492 -37.75 -2.23 18.80
N VAL C 493 -38.39 -2.76 19.84
CA VAL C 493 -37.80 -3.84 20.64
C VAL C 493 -38.57 -5.14 20.46
N THR C 494 -39.19 -5.35 19.29
CA THR C 494 -39.94 -6.55 19.01
C THR C 494 -39.54 -7.25 17.72
N GLN C 495 -38.85 -6.57 16.81
CA GLN C 495 -38.45 -7.14 15.54
C GLN C 495 -36.95 -7.42 15.53
N SER C 496 -36.51 -8.22 14.56
CA SER C 496 -35.11 -8.63 14.51
C SER C 496 -34.16 -7.45 14.46
N PRO C 497 -34.31 -6.46 13.58
CA PRO C 497 -33.43 -5.29 13.63
C PRO C 497 -33.81 -4.36 14.77
N SER C 498 -33.46 -4.73 16.00
CA SER C 498 -33.83 -4.00 17.20
C SER C 498 -32.67 -3.10 17.62
N ILE C 499 -32.85 -2.41 18.75
CA ILE C 499 -31.82 -1.52 19.27
C ILE C 499 -30.55 -2.27 19.62
N MET C 500 -30.64 -3.59 19.85
CA MET C 500 -29.44 -4.36 20.16
C MET C 500 -28.42 -4.34 19.03
N ASP C 501 -28.86 -4.07 17.80
CA ASP C 501 -27.96 -4.00 16.66
C ASP C 501 -27.32 -2.63 16.48
N LEU C 502 -27.82 -1.60 17.18
CA LEU C 502 -27.27 -0.27 17.01
C LEU C 502 -25.81 -0.22 17.45
N VAL C 503 -25.51 -0.79 18.61
CA VAL C 503 -24.17 -0.77 19.17
C VAL C 503 -23.83 -2.16 19.69
N LYS C 504 -22.53 -2.41 19.84
CA LYS C 504 -22.07 -3.68 20.39
C LYS C 504 -22.42 -3.75 21.88
N CYS C 505 -23.27 -4.71 22.24
CA CYS C 505 -23.71 -4.84 23.62
C CYS C 505 -24.13 -6.29 23.86
N ASP C 506 -24.15 -6.67 25.12
CA ASP C 506 -24.64 -7.98 25.54
C ASP C 506 -26.13 -7.97 25.83
N GLY C 507 -26.76 -6.81 25.85
CA GLY C 507 -28.19 -6.75 26.06
C GLY C 507 -28.69 -5.33 25.94
N ALA C 508 -30.01 -5.18 25.98
CA ALA C 508 -30.63 -3.87 25.87
C ALA C 508 -31.98 -3.91 26.57
N ALA C 509 -32.60 -2.73 26.66
CA ALA C 509 -33.89 -2.62 27.32
C ALA C 509 -34.54 -1.31 26.94
N PHE C 510 -35.87 -1.32 26.89
CA PHE C 510 -36.67 -0.13 26.60
C PHE C 510 -37.71 0.03 27.70
N LEU C 511 -37.70 1.16 28.39
CA LEU C 511 -38.73 1.51 29.35
C LEU C 511 -39.65 2.53 28.69
N TYR C 512 -40.91 2.16 28.50
CA TYR C 512 -41.87 2.97 27.75
C TYR C 512 -43.19 3.02 28.53
N HIS C 513 -43.49 4.20 29.08
CA HIS C 513 -44.74 4.41 29.82
C HIS C 513 -44.88 3.40 30.96
N GLY C 514 -43.76 3.10 31.61
CA GLY C 514 -43.74 2.17 32.71
C GLY C 514 -43.69 0.70 32.31
N LYS C 515 -43.68 0.41 31.02
CA LYS C 515 -43.59 -0.96 30.53
C LYS C 515 -42.13 -1.28 30.23
N TYR C 516 -41.67 -2.43 30.72
CA TYR C 516 -40.28 -2.84 30.58
C TYR C 516 -40.18 -3.88 29.47
N TYR C 517 -39.31 -3.62 28.49
CA TYR C 517 -39.06 -4.54 27.37
C TYR C 517 -37.56 -4.86 27.37
N PRO C 518 -37.16 -5.96 28.00
CA PRO C 518 -35.74 -6.33 27.97
C PRO C 518 -35.38 -7.12 26.72
N LEU C 519 -34.08 -7.24 26.48
CA LEU C 519 -33.55 -8.00 25.36
C LEU C 519 -32.17 -8.52 25.74
N GLY C 520 -31.97 -9.83 25.53
CA GLY C 520 -30.68 -10.42 25.87
C GLY C 520 -30.42 -10.34 27.36
N VAL C 521 -29.21 -9.91 27.72
CA VAL C 521 -28.79 -9.83 29.11
C VAL C 521 -29.22 -8.46 29.65
N ALA C 522 -30.28 -8.44 30.44
CA ALA C 522 -30.80 -7.21 31.02
C ALA C 522 -31.22 -7.47 32.45
N PRO C 523 -31.24 -6.44 33.30
CA PRO C 523 -31.67 -6.64 34.68
C PRO C 523 -33.17 -6.89 34.77
N SER C 524 -33.59 -7.39 35.93
CA SER C 524 -34.99 -7.66 36.18
C SER C 524 -35.77 -6.35 36.30
N GLU C 525 -37.10 -6.49 36.38
CA GLU C 525 -37.95 -5.30 36.47
C GLU C 525 -37.65 -4.50 37.73
N VAL C 526 -37.49 -5.19 38.86
CA VAL C 526 -37.16 -4.49 40.10
C VAL C 526 -35.79 -3.85 39.98
N GLN C 527 -34.82 -4.57 39.43
CA GLN C 527 -33.47 -4.02 39.31
C GLN C 527 -33.44 -2.81 38.38
N ILE C 528 -34.15 -2.88 37.25
CA ILE C 528 -34.17 -1.74 36.35
C ILE C 528 -34.91 -0.57 36.97
N LYS C 529 -35.97 -0.83 37.74
CA LYS C 529 -36.63 0.25 38.46
C LYS C 529 -35.67 0.92 39.44
N ASP C 530 -34.87 0.12 40.16
CA ASP C 530 -33.88 0.67 41.06
C ASP C 530 -32.84 1.50 40.29
N VAL C 531 -32.42 1.01 39.13
CA VAL C 531 -31.46 1.75 38.32
C VAL C 531 -32.04 3.10 37.89
N VAL C 532 -33.31 3.10 37.47
CA VAL C 532 -33.97 4.34 37.07
C VAL C 532 -34.05 5.31 38.24
N GLU C 533 -34.40 4.79 39.42
CA GLU C 533 -34.46 5.66 40.61
C GLU C 533 -33.09 6.25 40.92
N TRP C 534 -32.05 5.44 40.83
CA TRP C 534 -30.69 5.94 41.06
C TRP C 534 -30.33 7.02 40.05
N LEU C 535 -30.66 6.80 38.78
CA LEU C 535 -30.36 7.77 37.74
C LEU C 535 -31.08 9.09 38.01
N LEU C 536 -32.37 9.01 38.39
CA LEU C 536 -33.11 10.23 38.72
C LEU C 536 -32.53 10.93 39.93
N ALA C 537 -32.12 10.16 40.95
CA ALA C 537 -31.59 10.76 42.16
C ALA C 537 -30.28 11.50 41.89
N ASN C 538 -29.39 10.89 41.10
CA ASN C 538 -28.05 11.46 40.89
C ASN C 538 -27.87 12.14 39.54
N HIS C 539 -28.58 11.70 38.50
CA HIS C 539 -28.37 12.19 37.15
C HIS C 539 -29.69 12.67 36.54
N ALA C 540 -30.46 13.44 37.31
CA ALA C 540 -31.71 13.99 36.77
C ALA C 540 -31.45 14.94 35.62
N ASP C 541 -30.44 15.82 35.77
CA ASP C 541 -30.11 16.81 34.75
C ASP C 541 -29.10 16.20 33.78
N SER C 542 -29.59 15.32 32.92
CA SER C 542 -28.74 14.68 31.93
C SER C 542 -29.60 14.18 30.77
N THR C 543 -29.08 14.34 29.57
CA THR C 543 -29.72 13.85 28.36
C THR C 543 -29.24 12.45 27.98
N GLY C 544 -28.39 11.84 28.78
CA GLY C 544 -27.83 10.55 28.49
C GLY C 544 -26.47 10.40 29.09
N LEU C 545 -26.06 9.15 29.28
CA LEU C 545 -24.78 8.88 29.94
C LEU C 545 -24.32 7.48 29.56
N SER C 546 -23.05 7.20 29.85
CA SER C 546 -22.45 5.89 29.63
C SER C 546 -21.53 5.58 30.79
N THR C 547 -21.68 4.38 31.36
CA THR C 547 -20.86 3.93 32.48
C THR C 547 -20.17 2.65 32.05
N ASP C 548 -18.84 2.61 32.21
CA ASP C 548 -18.09 1.38 31.93
C ASP C 548 -18.31 0.34 33.01
N SER C 549 -18.38 0.75 34.27
CA SER C 549 -18.62 -0.17 35.38
C SER C 549 -19.60 0.49 36.34
N LEU C 550 -20.74 -0.17 36.57
CA LEU C 550 -21.74 0.39 37.48
C LEU C 550 -21.18 0.55 38.88
N GLY C 551 -20.29 -0.35 39.31
CA GLY C 551 -19.70 -0.21 40.63
C GLY C 551 -18.87 1.05 40.75
N ASP C 552 -18.08 1.37 39.72
CA ASP C 552 -17.28 2.60 39.74
C ASP C 552 -18.16 3.84 39.79
N ALA C 553 -19.27 3.82 39.04
CA ALA C 553 -20.17 4.97 39.03
C ALA C 553 -20.76 5.20 40.42
N GLY C 554 -21.15 4.13 41.10
CA GLY C 554 -21.68 4.23 42.45
C GLY C 554 -23.11 3.74 42.58
N TYR C 555 -23.52 2.83 41.71
CA TYR C 555 -24.85 2.27 41.79
C TYR C 555 -24.91 1.27 42.94
N PRO C 556 -25.78 1.45 43.94
CA PRO C 556 -25.83 0.49 45.05
C PRO C 556 -26.14 -0.93 44.62
N GLY C 557 -26.97 -1.11 43.60
CA GLY C 557 -27.38 -2.42 43.15
C GLY C 557 -26.41 -3.12 42.22
N ALA C 558 -25.26 -2.52 41.94
CA ALA C 558 -24.33 -3.14 41.00
C ALA C 558 -23.95 -4.54 41.45
N ALA C 559 -23.61 -4.70 42.74
CA ALA C 559 -23.27 -6.03 43.25
C ALA C 559 -24.40 -7.02 43.01
N ALA C 560 -25.64 -6.57 43.15
CA ALA C 560 -26.78 -7.44 42.87
C ALA C 560 -26.80 -7.87 41.41
N LEU C 561 -26.47 -6.95 40.49
CA LEU C 561 -26.44 -7.31 39.09
C LEU C 561 -25.36 -8.33 38.78
N GLY C 562 -24.21 -8.22 39.47
CA GLY C 562 -23.13 -9.15 39.24
C GLY C 562 -22.35 -8.82 37.97
N ASP C 563 -21.57 -9.80 37.52
CA ASP C 563 -20.76 -9.65 36.32
C ASP C 563 -21.59 -9.66 35.04
N ALA C 564 -22.86 -10.07 35.11
CA ALA C 564 -23.69 -10.09 33.92
C ALA C 564 -23.89 -8.69 33.35
N VAL C 565 -24.11 -7.71 34.22
CA VAL C 565 -24.36 -6.33 33.83
C VAL C 565 -23.37 -5.44 34.59
N CYS C 566 -22.36 -4.95 33.89
CA CYS C 566 -21.37 -4.04 34.47
C CYS C 566 -21.34 -2.68 33.78
N GLY C 567 -21.34 -2.65 32.46
CA GLY C 567 -21.42 -1.42 31.71
C GLY C 567 -22.85 -1.15 31.29
N MET C 568 -23.21 0.12 31.24
CA MET C 568 -24.61 0.49 31.02
C MET C 568 -24.67 1.87 30.41
N ALA C 569 -25.37 2.01 29.28
CA ALA C 569 -25.55 3.28 28.61
C ALA C 569 -27.03 3.66 28.60
N VAL C 570 -27.34 4.87 29.07
CA VAL C 570 -28.70 5.37 29.16
C VAL C 570 -28.88 6.47 28.14
N ALA C 571 -29.96 6.39 27.37
CA ALA C 571 -30.43 7.46 26.51
C ALA C 571 -31.79 7.91 27.02
N TYR C 572 -31.91 9.20 27.28
CA TYR C 572 -33.13 9.78 27.85
C TYR C 572 -34.08 10.14 26.72
N ILE C 573 -35.32 9.65 26.81
CA ILE C 573 -36.38 10.08 25.90
C ILE C 573 -37.28 11.11 26.58
N THR C 574 -37.67 10.84 27.82
CA THR C 574 -38.44 11.79 28.61
C THR C 574 -38.26 11.41 30.09
N LYS C 575 -39.10 11.99 30.95
CA LYS C 575 -38.97 11.76 32.38
C LYS C 575 -39.27 10.33 32.79
N ARG C 576 -39.93 9.55 31.94
CA ARG C 576 -40.30 8.18 32.27
C ARG C 576 -39.83 7.13 31.27
N ASP C 577 -39.51 7.52 30.04
CA ASP C 577 -39.10 6.56 29.00
C ASP C 577 -37.59 6.61 28.86
N PHE C 578 -36.95 5.44 28.82
CA PHE C 578 -35.50 5.35 28.74
C PHE C 578 -35.10 4.24 27.79
N LEU C 579 -33.91 4.38 27.20
CA LEU C 579 -33.27 3.31 26.44
C LEU C 579 -31.99 2.92 27.15
N PHE C 580 -31.81 1.62 27.38
CA PHE C 580 -30.64 1.09 28.07
C PHE C 580 -29.90 0.12 27.17
N TRP C 581 -28.58 0.24 27.14
CA TRP C 581 -27.71 -0.73 26.49
C TRP C 581 -26.77 -1.30 27.55
N PHE C 582 -26.93 -2.59 27.86
CA PHE C 582 -26.17 -3.25 28.90
C PHE C 582 -25.07 -4.09 28.29
N ARG C 583 -23.89 -4.07 28.92
CA ARG C 583 -22.73 -4.81 28.46
C ARG C 583 -22.10 -5.49 29.66
N SER C 584 -21.72 -6.75 29.51
CA SER C 584 -21.17 -7.52 30.61
C SER C 584 -19.69 -7.21 30.81
N HIS C 585 -19.10 -7.82 31.84
CA HIS C 585 -17.71 -7.56 32.17
C HIS C 585 -16.79 -8.09 31.06
N THR C 586 -15.59 -7.51 31.01
CA THR C 586 -14.67 -7.83 29.91
C THR C 586 -14.25 -9.30 29.95
N ALA C 587 -13.94 -9.83 31.13
CA ALA C 587 -13.48 -11.20 31.20
C ALA C 587 -14.46 -12.19 30.58
N LYS C 588 -15.68 -11.76 30.24
CA LYS C 588 -16.61 -12.65 29.57
C LYS C 588 -16.10 -13.11 28.22
N GLU C 589 -15.58 -12.20 27.40
CA GLU C 589 -15.10 -12.58 26.06
C GLU C 589 -13.58 -12.58 25.96
N ILE C 590 -12.89 -12.94 27.04
CA ILE C 590 -11.46 -13.17 27.03
C ILE C 590 -11.22 -14.61 27.50
N LYS C 591 -10.58 -15.41 26.65
CA LYS C 591 -10.26 -16.79 26.96
C LYS C 591 -8.79 -17.05 26.69
N TRP C 592 -8.12 -17.66 27.65
CA TRP C 592 -6.72 -18.02 27.50
C TRP C 592 -6.35 -19.04 28.58
N GLY C 593 -5.46 -19.95 28.24
CA GLY C 593 -5.12 -21.06 29.13
C GLY C 593 -4.81 -20.65 30.55
N GLY C 594 -3.72 -19.91 30.74
CA GLY C 594 -3.30 -19.52 32.07
C GLY C 594 -4.31 -18.66 32.79
N GLN C 606 4.11 -11.19 43.10
CA GLN C 606 4.39 -12.52 42.55
C GLN C 606 5.46 -12.44 41.46
N ARG C 607 5.76 -13.58 40.86
CA ARG C 607 6.77 -13.63 39.81
C ARG C 607 6.25 -12.93 38.55
N MET C 608 7.13 -12.19 37.89
CA MET C 608 6.76 -11.50 36.65
C MET C 608 6.69 -12.53 35.52
N HIS C 609 5.47 -12.93 35.17
CA HIS C 609 5.26 -13.98 34.19
C HIS C 609 4.03 -13.66 33.36
N PRO C 610 3.96 -14.16 32.12
CA PRO C 610 2.72 -14.00 31.33
C PRO C 610 1.45 -14.33 32.08
N ARG C 611 1.41 -15.46 32.80
CA ARG C 611 0.21 -15.84 33.54
C ARG C 611 -0.11 -14.80 34.62
N SER C 612 0.90 -14.32 35.33
CA SER C 612 0.67 -13.29 36.33
C SER C 612 0.14 -12.01 35.70
N SER C 613 0.67 -11.64 34.53
CA SER C 613 0.15 -10.45 33.83
C SER C 613 -1.31 -10.63 33.46
N PHE C 614 -1.67 -11.82 32.95
CA PHE C 614 -3.06 -12.05 32.57
C PHE C 614 -3.97 -11.97 33.80
N GLN C 615 -3.54 -12.57 34.91
CA GLN C 615 -4.35 -12.51 36.13
C GLN C 615 -4.48 -11.09 36.64
N ALA C 616 -3.40 -10.31 36.60
CA ALA C 616 -3.47 -8.92 37.03
C ALA C 616 -4.43 -8.12 36.15
N PHE C 617 -4.39 -8.37 34.84
CA PHE C 617 -5.32 -7.70 33.94
C PHE C 617 -6.76 -8.06 34.30
N LEU C 618 -7.05 -9.35 34.47
CA LEU C 618 -8.39 -9.76 34.86
C LEU C 618 -8.82 -9.08 36.16
N GLU C 619 -7.88 -8.88 37.08
CA GLU C 619 -8.19 -8.15 38.30
C GLU C 619 -8.52 -6.69 38.00
N VAL C 620 -7.81 -6.08 37.05
CA VAL C 620 -8.05 -4.68 36.72
C VAL C 620 -9.46 -4.48 36.19
N VAL C 621 -9.95 -5.42 35.38
CA VAL C 621 -11.26 -5.31 34.74
C VAL C 621 -12.25 -6.28 35.38
N LYS C 622 -12.10 -6.58 36.67
CA LYS C 622 -12.91 -7.61 37.31
C LYS C 622 -14.40 -7.35 37.11
N SER C 623 -14.84 -6.13 37.39
CA SER C 623 -16.25 -5.76 37.27
C SER C 623 -16.42 -4.57 36.33
N ARG C 624 -15.68 -4.59 35.21
CA ARG C 624 -15.68 -3.50 34.25
C ARG C 624 -15.91 -4.06 32.86
N SER C 625 -16.86 -3.47 32.14
CA SER C 625 -17.15 -3.87 30.77
C SER C 625 -16.18 -3.17 29.81
N GLN C 626 -16.36 -3.41 28.52
CA GLN C 626 -15.55 -2.70 27.54
C GLN C 626 -15.97 -1.23 27.50
N PRO C 627 -15.04 -0.32 27.22
CA PRO C 627 -15.40 1.09 27.15
C PRO C 627 -16.39 1.36 26.03
N TRP C 628 -17.27 2.34 26.25
CA TRP C 628 -18.22 2.73 25.22
C TRP C 628 -17.55 3.68 24.22
N GLU C 629 -17.40 3.21 23.00
CA GLU C 629 -16.68 3.97 21.98
C GLU C 629 -17.41 5.26 21.66
N THR C 630 -16.65 6.24 21.15
CA THR C 630 -17.25 7.52 20.79
C THR C 630 -18.29 7.35 19.69
N ALA C 631 -17.98 6.50 18.69
CA ALA C 631 -18.95 6.26 17.63
C ALA C 631 -20.21 5.60 18.16
N GLU C 632 -20.06 4.67 19.11
CA GLU C 632 -21.23 4.01 19.69
C GLU C 632 -22.12 5.02 20.41
N MET C 633 -21.52 5.92 21.19
CA MET C 633 -22.31 6.93 21.87
C MET C 633 -22.93 7.93 20.89
N ASP C 634 -22.23 8.24 19.80
CA ASP C 634 -22.82 9.09 18.78
C ASP C 634 -24.06 8.43 18.17
N ALA C 635 -23.96 7.14 17.88
CA ALA C 635 -25.13 6.42 17.37
C ALA C 635 -26.27 6.42 18.38
N ILE C 636 -25.94 6.21 19.66
CA ILE C 636 -26.96 6.20 20.71
C ILE C 636 -27.65 7.56 20.76
N HIS C 637 -26.87 8.65 20.70
CA HIS C 637 -27.45 9.98 20.75
C HIS C 637 -28.30 10.28 19.53
N SER C 638 -27.87 9.83 18.34
CA SER C 638 -28.68 10.03 17.15
C SER C 638 -30.02 9.32 17.26
N LEU C 639 -30.00 8.05 17.69
CA LEU C 639 -31.25 7.34 17.87
C LEU C 639 -32.10 7.99 18.96
N GLN C 640 -31.46 8.54 19.98
CA GLN C 640 -32.18 9.24 21.03
C GLN C 640 -32.92 10.45 20.46
N LEU C 641 -32.24 11.23 19.61
CA LEU C 641 -32.90 12.38 19.01
C LEU C 641 -34.06 11.96 18.13
N ILE C 642 -33.87 10.92 17.31
CA ILE C 642 -34.95 10.45 16.46
C ILE C 642 -36.15 10.02 17.29
N LEU C 643 -35.90 9.23 18.35
CA LEU C 643 -37.00 8.71 19.15
C LEU C 643 -37.67 9.82 19.94
N ARG C 644 -36.91 10.83 20.38
CA ARG C 644 -37.52 11.97 21.06
C ARG C 644 -38.44 12.73 20.12
N ASP C 645 -38.00 12.96 18.89
CA ASP C 645 -38.87 13.61 17.92
C ASP C 645 -40.12 12.79 17.65
N SER C 646 -39.97 11.48 17.50
CA SER C 646 -41.13 10.63 17.27
C SER C 646 -42.10 10.67 18.45
N PHE C 647 -41.57 10.62 19.68
CA PHE C 647 -42.42 10.67 20.86
C PHE C 647 -43.16 11.99 20.95
N LYS C 648 -42.47 13.09 20.64
CA LYS C 648 -43.15 14.39 20.63
C LYS C 648 -44.26 14.43 19.59
N GLU C 649 -44.00 13.85 18.41
CA GLU C 649 -45.05 13.75 17.40
C GLU C 649 -46.22 12.90 17.91
N SER C 650 -45.91 11.78 18.56
CA SER C 650 -46.95 10.90 19.09
C SER C 650 -47.47 11.43 20.42
#